data_4RYE
#
_entry.id   4RYE
#
_cell.length_a   88.485
_cell.length_b   88.485
_cell.length_c   493.905
_cell.angle_alpha   90.00
_cell.angle_beta   90.00
_cell.angle_gamma   120.00
#
_symmetry.space_group_name_H-M   'P 65 2 2'
#
loop_
_entity.id
_entity.type
_entity.pdbx_description
1 polymer 'D-alanyl-D-alanine carboxypeptidase'
2 water water
#
_entity_poly.entity_id   1
_entity_poly.type   'polypeptide(L)'
_entity_poly.pdbx_seq_one_letter_code
;SNADADVQPAGSVPIPDGPAQTWIVADLDSGQVLAGRDQNVAHPPASTIKVLLALVALDELDLNSTVVADVADTQAECNC
VGVKPGRSYTARQLLDGLLLVSGNDAANTLAH(MSE)LGGQDVTVAK(MSE)NAKAATLGATSTHATTPSGLDGPGGSGA
STAHDLVVIFRAA(MSE)ANPVFAQITAEPSA(MSE)FPSDNGEQLIVNQDELLQRYPGAIGGKTGYTNAARKTFVGAAA
RGGRRLVIA(MSE)(MSE)YGLVKEGGPTYWDQAATLFDWGFALNPQASVGSL
;
_entity_poly.pdbx_strand_id   A,B,C,D
#
# COMPACT_ATOMS: atom_id res chain seq x y z
N ASP A 6 13.12 16.94 -14.77
CA ASP A 6 11.98 16.17 -14.32
C ASP A 6 11.29 16.83 -13.14
N VAL A 7 10.07 16.37 -12.85
CA VAL A 7 9.39 16.73 -11.63
C VAL A 7 9.06 15.40 -10.98
N GLN A 8 9.51 15.20 -9.76
CA GLN A 8 9.15 14.00 -9.00
C GLN A 8 8.95 14.45 -7.55
N PRO A 9 8.31 13.62 -6.71
CA PRO A 9 8.03 14.06 -5.34
C PRO A 9 9.30 14.26 -4.52
N ALA A 10 9.31 15.27 -3.65
CA ALA A 10 10.44 15.53 -2.77
C ALA A 10 10.84 14.27 -1.98
N GLY A 11 12.13 13.96 -1.97
CA GLY A 11 12.62 12.85 -1.17
C GLY A 11 12.59 11.51 -1.87
N SER A 12 11.92 11.44 -3.03
CA SER A 12 11.86 10.19 -3.77
C SER A 12 13.21 9.85 -4.40
N VAL A 13 13.39 8.57 -4.74
CA VAL A 13 14.60 8.10 -5.38
C VAL A 13 14.75 8.80 -6.73
N PRO A 14 15.94 9.36 -6.99
CA PRO A 14 16.21 10.02 -8.28
C PRO A 14 15.94 9.06 -9.44
N ILE A 15 15.20 9.55 -10.44
CA ILE A 15 14.85 8.74 -11.61
C ILE A 15 16.03 8.71 -12.58
N PRO A 16 16.51 7.49 -12.90
CA PRO A 16 17.69 7.34 -13.76
C PRO A 16 17.49 8.00 -15.12
N ASP A 17 18.56 8.52 -15.71
CA ASP A 17 18.45 9.13 -17.02
C ASP A 17 18.06 8.07 -18.07
N GLY A 18 17.40 8.52 -19.13
CA GLY A 18 16.99 7.62 -20.19
C GLY A 18 16.86 8.34 -21.52
N PRO A 19 16.63 7.59 -22.61
CA PRO A 19 16.59 8.15 -23.96
C PRO A 19 15.37 9.05 -24.22
N ALA A 20 14.26 8.81 -23.53
CA ALA A 20 13.04 9.60 -23.78
C ALA A 20 13.23 11.05 -23.34
N GLN A 21 12.92 12.01 -24.21
CA GLN A 21 13.07 13.42 -23.83
C GLN A 21 11.85 13.98 -23.07
N THR A 22 10.67 13.41 -23.28
CA THR A 22 9.53 13.70 -22.40
C THR A 22 8.92 12.39 -21.96
N TRP A 23 8.32 12.36 -20.78
CA TRP A 23 7.69 11.15 -20.26
C TRP A 23 6.81 11.50 -19.07
N ILE A 24 5.97 10.56 -18.67
CA ILE A 24 5.09 10.76 -17.52
C ILE A 24 4.82 9.40 -16.90
N VAL A 25 4.60 9.36 -15.59
CA VAL A 25 4.22 8.14 -14.89
C VAL A 25 2.96 8.48 -14.11
N ALA A 26 1.88 7.76 -14.37
CA ALA A 26 0.61 8.07 -13.74
C ALA A 26 -0.06 6.80 -13.24
N ASP A 27 -1.04 6.95 -12.36
CA ASP A 27 -1.78 5.82 -11.81
C ASP A 27 -3.00 5.64 -12.70
N LEU A 28 -3.15 4.46 -13.27
CA LEU A 28 -4.21 4.13 -14.21
C LEU A 28 -5.61 4.31 -13.62
N ASP A 29 -5.73 4.06 -12.31
CA ASP A 29 -7.03 4.06 -11.66
C ASP A 29 -7.41 5.41 -11.03
N SER A 30 -6.49 6.02 -10.30
CA SER A 30 -6.78 7.26 -9.58
C SER A 30 -6.52 8.52 -10.43
N GLY A 31 -5.68 8.39 -11.45
CA GLY A 31 -5.29 9.53 -12.28
C GLY A 31 -4.23 10.43 -11.66
N GLN A 32 -3.71 10.05 -10.48
CA GLN A 32 -2.58 10.75 -9.87
C GLN A 32 -1.37 10.69 -10.81
N VAL A 33 -0.65 11.80 -10.94
CA VAL A 33 0.61 11.79 -11.68
C VAL A 33 1.76 11.63 -10.67
N LEU A 34 2.58 10.60 -10.86
CA LEU A 34 3.66 10.31 -9.92
C LEU A 34 4.93 11.07 -10.26
N ALA A 35 5.18 11.24 -11.55
CA ALA A 35 6.36 11.98 -12.00
C ALA A 35 6.20 12.31 -13.46
N GLY A 36 6.93 13.32 -13.93
CA GLY A 36 6.87 13.67 -15.33
C GLY A 36 8.05 14.51 -15.73
N ARG A 37 8.41 14.42 -17.01
CA ARG A 37 9.40 15.32 -17.56
C ARG A 37 8.83 15.95 -18.83
N ASP A 38 8.65 17.27 -18.83
CA ASP A 38 8.05 17.96 -19.96
C ASP A 38 6.79 17.26 -20.49
N GLN A 39 5.97 16.75 -19.57
CA GLN A 39 4.84 15.92 -19.97
C GLN A 39 3.75 16.65 -20.77
N ASN A 40 3.80 17.98 -20.83
CA ASN A 40 2.84 18.73 -21.64
C ASN A 40 3.44 19.33 -22.91
N VAL A 41 4.68 18.96 -23.22
CA VAL A 41 5.34 19.46 -24.43
C VAL A 41 4.94 18.62 -25.63
N ALA A 42 4.46 19.26 -26.70
CA ALA A 42 3.96 18.54 -27.87
C ALA A 42 5.06 18.01 -28.77
N HIS A 43 4.92 16.76 -29.18
CA HIS A 43 5.82 16.11 -30.14
C HIS A 43 4.96 15.20 -31.02
N PRO A 44 5.49 14.82 -32.18
CA PRO A 44 4.74 13.87 -33.02
C PRO A 44 4.59 12.53 -32.31
N PRO A 45 3.41 11.90 -32.43
CA PRO A 45 3.14 10.65 -31.69
C PRO A 45 3.57 9.38 -32.42
N ALA A 46 3.81 9.45 -33.73
CA ALA A 46 3.98 8.24 -34.53
C ALA A 46 2.87 7.24 -34.21
N SER A 47 3.21 5.95 -34.19
CA SER A 47 2.20 4.89 -34.08
C SER A 47 1.48 4.81 -32.74
N THR A 48 1.91 5.57 -31.74
CA THR A 48 1.12 5.62 -30.50
C THR A 48 -0.29 6.13 -30.78
N ILE A 49 -0.42 6.95 -31.81
CA ILE A 49 -1.73 7.49 -32.19
C ILE A 49 -2.69 6.39 -32.68
N LYS A 50 -2.15 5.22 -33.02
CA LYS A 50 -3.02 4.08 -33.37
C LYS A 50 -3.94 3.67 -32.22
N VAL A 51 -3.55 3.98 -30.99
CA VAL A 51 -4.42 3.71 -29.85
C VAL A 51 -5.70 4.56 -29.94
N LEU A 52 -5.55 5.80 -30.35
CA LEU A 52 -6.68 6.68 -30.58
C LEU A 52 -7.57 6.17 -31.72
N LEU A 53 -6.96 5.66 -32.79
CA LEU A 53 -7.75 5.05 -33.86
C LEU A 53 -8.52 3.84 -33.32
N ALA A 54 -7.85 3.02 -32.51
CA ALA A 54 -8.50 1.84 -31.92
C ALA A 54 -9.74 2.21 -31.10
N LEU A 55 -9.65 3.29 -30.32
CA LEU A 55 -10.81 3.77 -29.55
C LEU A 55 -12.01 4.10 -30.44
N VAL A 56 -11.75 4.82 -31.54
CA VAL A 56 -12.82 5.16 -32.47
C VAL A 56 -13.43 3.89 -33.07
N ALA A 57 -12.56 2.97 -33.51
CA ALA A 57 -13.01 1.73 -34.13
C ALA A 57 -13.87 0.91 -33.17
N LEU A 58 -13.44 0.83 -31.90
CA LEU A 58 -14.18 0.06 -30.91
C LEU A 58 -15.51 0.70 -30.57
N ASP A 59 -15.58 2.02 -30.63
CA ASP A 59 -16.86 2.69 -30.41
C ASP A 59 -17.86 2.49 -31.53
N GLU A 60 -17.39 2.51 -32.78
CA GLU A 60 -18.30 2.57 -33.92
C GLU A 60 -18.50 1.26 -34.67
N LEU A 61 -17.52 0.37 -34.61
CA LEU A 61 -17.54 -0.81 -35.48
C LEU A 61 -17.88 -2.08 -34.72
N ASP A 62 -18.72 -2.92 -35.31
CA ASP A 62 -18.92 -4.29 -34.80
C ASP A 62 -17.65 -5.08 -35.07
N LEU A 63 -17.22 -5.90 -34.11
CA LEU A 63 -15.94 -6.60 -34.21
C LEU A 63 -15.94 -7.65 -35.32
N ASN A 64 -17.13 -8.10 -35.67
CA ASN A 64 -17.28 -9.11 -36.71
C ASN A 64 -17.76 -8.53 -38.04
N SER A 65 -17.92 -7.21 -38.11
CA SER A 65 -18.27 -6.60 -39.39
C SER A 65 -17.05 -6.66 -40.30
N THR A 66 -17.28 -6.76 -41.60
CA THR A 66 -16.18 -6.95 -42.53
C THR A 66 -16.04 -5.81 -43.52
N VAL A 67 -14.90 -5.78 -44.20
CA VAL A 67 -14.68 -4.82 -45.28
C VAL A 67 -13.88 -5.54 -46.35
N VAL A 68 -14.10 -5.15 -47.60
CA VAL A 68 -13.29 -5.62 -48.71
C VAL A 68 -12.21 -4.59 -48.94
N ALA A 69 -10.96 -4.95 -48.67
CA ALA A 69 -9.86 -4.01 -48.83
C ALA A 69 -9.72 -3.56 -50.28
N ASP A 70 -9.47 -2.29 -50.50
CA ASP A 70 -9.18 -1.84 -51.86
C ASP A 70 -7.70 -1.51 -52.01
N VAL A 71 -7.29 -1.19 -53.23
CA VAL A 71 -5.87 -0.95 -53.53
C VAL A 71 -5.27 0.15 -52.67
N ALA A 72 -6.02 1.24 -52.48
CA ALA A 72 -5.56 2.37 -51.68
C ALA A 72 -5.23 1.99 -50.24
N ASP A 73 -5.97 1.03 -49.69
CA ASP A 73 -5.78 0.58 -48.31
C ASP A 73 -4.41 -0.06 -48.09
N THR A 74 -3.78 -0.50 -49.18
CA THR A 74 -2.60 -1.35 -49.09
C THR A 74 -1.31 -0.67 -49.53
N GLN A 75 -1.34 0.65 -49.66
CA GLN A 75 -0.22 1.36 -50.29
C GLN A 75 0.66 2.20 -49.37
N ALA A 76 0.40 2.18 -48.07
CA ALA A 76 1.26 2.94 -47.15
C ALA A 76 2.56 2.18 -46.91
N GLU A 77 3.59 2.90 -46.49
CA GLU A 77 4.85 2.26 -46.12
C GLU A 77 4.66 1.32 -44.92
N CYS A 78 5.58 0.38 -44.75
CA CYS A 78 5.52 -0.59 -43.65
C CYS A 78 5.77 0.11 -42.31
N ASN A 79 5.45 -0.48 -41.16
CA ASN A 79 4.93 -1.86 -40.96
C ASN A 79 3.61 -2.18 -41.64
N CYS A 80 3.54 -3.38 -42.21
CA CYS A 80 2.30 -3.89 -42.78
C CYS A 80 1.96 -5.25 -42.18
N VAL A 81 0.68 -5.48 -41.88
CA VAL A 81 0.25 -6.79 -41.40
C VAL A 81 0.04 -7.71 -42.60
N GLY A 82 -0.22 -7.13 -43.76
CA GLY A 82 -0.37 -7.89 -44.98
C GLY A 82 -1.78 -7.89 -45.56
N VAL A 83 -2.49 -6.77 -45.38
CA VAL A 83 -3.77 -6.56 -46.06
C VAL A 83 -3.59 -6.64 -47.58
N LYS A 84 -4.50 -7.35 -48.25
CA LYS A 84 -4.41 -7.51 -49.70
C LYS A 84 -5.71 -7.07 -50.36
N PRO A 85 -5.61 -6.37 -51.51
CA PRO A 85 -6.83 -5.80 -52.13
C PRO A 85 -7.78 -6.86 -52.65
N GLY A 86 -9.07 -6.67 -52.39
CA GLY A 86 -10.10 -7.61 -52.83
C GLY A 86 -10.38 -8.67 -51.79
N ARG A 87 -9.55 -8.70 -50.75
CA ARG A 87 -9.73 -9.65 -49.67
C ARG A 87 -10.59 -9.06 -48.54
N SER A 88 -11.33 -9.92 -47.87
CA SER A 88 -12.22 -9.51 -46.80
C SER A 88 -11.53 -9.65 -45.44
N TYR A 89 -11.76 -8.68 -44.55
CA TYR A 89 -11.18 -8.72 -43.20
C TYR A 89 -12.22 -8.26 -42.20
N THR A 90 -12.17 -8.79 -40.98
CA THR A 90 -13.05 -8.29 -39.92
C THR A 90 -12.37 -7.15 -39.18
N ALA A 91 -13.19 -6.33 -38.51
CA ALA A 91 -12.67 -5.27 -37.66
C ALA A 91 -11.71 -5.84 -36.62
N ARG A 92 -12.04 -7.00 -36.07
CA ARG A 92 -11.18 -7.62 -35.05
C ARG A 92 -9.82 -7.97 -35.65
N GLN A 93 -9.84 -8.59 -36.82
CA GLN A 93 -8.61 -8.94 -37.51
C GLN A 93 -7.77 -7.69 -37.75
N LEU A 94 -8.42 -6.61 -38.17
CA LEU A 94 -7.70 -5.38 -38.46
C LEU A 94 -7.15 -4.75 -37.19
N LEU A 95 -7.91 -4.84 -36.10
CA LEU A 95 -7.47 -4.28 -34.82
C LEU A 95 -6.27 -5.06 -34.26
N ASP A 96 -6.26 -6.38 -34.45
CA ASP A 96 -5.09 -7.19 -34.09
C ASP A 96 -3.88 -6.77 -34.89
N GLY A 97 -4.06 -6.60 -36.21
CA GLY A 97 -2.98 -6.14 -37.07
C GLY A 97 -2.51 -4.77 -36.64
N LEU A 98 -3.46 -3.89 -36.33
CA LEU A 98 -3.15 -2.53 -35.86
C LEU A 98 -2.33 -2.52 -34.58
N LEU A 99 -2.75 -3.30 -33.60
CA LEU A 99 -2.20 -3.20 -32.26
C LEU A 99 -1.04 -4.15 -31.96
N LEU A 100 -0.98 -5.28 -32.65
CA LEU A 100 0.11 -6.25 -32.40
C LEU A 100 1.35 -5.99 -33.26
N VAL A 101 1.16 -5.62 -34.51
CA VAL A 101 2.31 -5.40 -35.39
C VAL A 101 2.36 -3.98 -35.99
N SER A 102 1.53 -3.08 -35.46
CA SER A 102 1.53 -1.67 -35.89
C SER A 102 1.31 -1.53 -37.40
N GLY A 103 0.37 -2.32 -37.94
CA GLY A 103 0.16 -2.35 -39.38
C GLY A 103 -0.45 -1.08 -39.89
N ASN A 104 0.26 -0.36 -40.76
CA ASN A 104 -0.28 0.87 -41.34
C ASN A 104 -1.40 0.53 -42.32
N ASP A 105 -1.27 -0.62 -42.98
CA ASP A 105 -2.33 -1.10 -43.87
C ASP A 105 -3.58 -1.43 -43.07
N ALA A 106 -3.40 -1.94 -41.86
CA ALA A 106 -4.52 -2.19 -40.97
C ALA A 106 -5.20 -0.88 -40.55
N ALA A 107 -4.39 0.12 -40.25
CA ALA A 107 -4.92 1.44 -39.92
C ALA A 107 -5.72 2.04 -41.07
N ASN A 108 -5.16 1.99 -42.28
CA ASN A 108 -5.86 2.58 -43.40
C ASN A 108 -7.13 1.82 -43.78
N THR A 109 -7.15 0.52 -43.51
CA THR A 109 -8.31 -0.30 -43.84
C THR A 109 -9.41 -0.10 -42.78
N LEU A 110 -9.01 0.11 -41.53
CA LEU A 110 -9.96 0.53 -40.51
C LEU A 110 -10.55 1.90 -40.85
N ALA A 111 -9.71 2.80 -41.35
CA ALA A 111 -10.18 4.13 -41.73
C ALA A 111 -11.21 4.03 -42.87
N HIS A 112 -10.98 3.07 -43.76
CA HIS A 112 -11.95 2.74 -44.82
C HIS A 112 -13.31 2.39 -44.20
N LEU A 114 -14.42 3.23 -41.40
CA LEU A 114 -14.94 4.34 -40.62
C LEU A 114 -15.39 5.52 -41.48
N GLY A 115 -15.30 5.38 -42.80
CA GLY A 115 -15.78 6.42 -43.69
C GLY A 115 -14.70 7.13 -44.48
N GLY A 116 -13.47 6.66 -44.38
CA GLY A 116 -12.38 7.25 -45.14
C GLY A 116 -11.31 7.90 -44.30
N GLN A 117 -10.21 8.28 -44.94
CA GLN A 117 -9.07 8.87 -44.25
C GLN A 117 -9.42 10.18 -43.54
N ASP A 118 -9.98 11.14 -44.27
CA ASP A 118 -10.29 12.44 -43.68
C ASP A 118 -11.31 12.34 -42.55
N VAL A 119 -12.36 11.56 -42.78
CA VAL A 119 -13.41 11.36 -41.79
C VAL A 119 -12.85 10.68 -40.55
N THR A 120 -11.97 9.71 -40.75
CA THR A 120 -11.41 8.97 -39.62
C THR A 120 -10.52 9.87 -38.76
N VAL A 121 -9.74 10.71 -39.42
CA VAL A 121 -8.90 11.66 -38.70
C VAL A 121 -9.78 12.64 -37.93
N ALA A 122 -10.86 13.11 -38.55
CA ALA A 122 -11.78 13.99 -37.81
C ALA A 122 -12.39 13.30 -36.60
N LYS A 123 -12.80 12.03 -36.76
CA LYS A 123 -13.31 11.26 -35.62
C LYS A 123 -12.27 11.03 -34.52
N ASN A 125 -9.72 13.06 -33.80
CA ASN A 125 -9.57 14.35 -33.14
C ASN A 125 -10.77 14.67 -32.26
N ALA A 126 -11.96 14.33 -32.73
CA ALA A 126 -13.16 14.52 -31.88
C ALA A 126 -13.08 13.67 -30.61
N LYS A 127 -12.59 12.44 -30.75
CA LYS A 127 -12.47 11.54 -29.60
C LYS A 127 -11.47 12.08 -28.58
N ALA A 128 -10.31 12.54 -29.05
CA ALA A 128 -9.32 13.15 -28.17
C ALA A 128 -9.95 14.29 -27.36
N ALA A 129 -10.73 15.14 -28.04
CA ALA A 129 -11.40 16.23 -27.33
C ALA A 129 -12.36 15.74 -26.23
N THR A 130 -13.12 14.67 -26.49
CA THR A 130 -14.05 14.18 -25.46
C THR A 130 -13.29 13.68 -24.24
N LEU A 131 -12.03 13.28 -24.44
CA LEU A 131 -11.21 12.77 -23.36
C LEU A 131 -10.43 13.84 -22.62
N GLY A 132 -10.51 15.08 -23.11
CA GLY A 132 -9.76 16.17 -22.50
C GLY A 132 -8.31 16.17 -22.96
N ALA A 133 -7.99 15.38 -23.98
CA ALA A 133 -6.66 15.39 -24.55
C ALA A 133 -6.55 16.52 -25.58
N THR A 134 -6.43 17.75 -25.11
CA THR A 134 -6.57 18.90 -25.99
C THR A 134 -5.24 19.37 -26.60
N SER A 135 -4.17 18.64 -26.32
CA SER A 135 -2.90 18.91 -26.99
C SER A 135 -2.64 17.88 -28.05
N THR A 136 -3.66 17.09 -28.38
CA THR A 136 -3.50 16.03 -29.36
C THR A 136 -4.18 16.36 -30.69
N HIS A 137 -3.44 16.18 -31.77
CA HIS A 137 -3.99 16.42 -33.10
C HIS A 137 -3.46 15.35 -34.03
N ALA A 138 -4.35 14.50 -34.52
CA ALA A 138 -3.98 13.49 -35.50
C ALA A 138 -4.03 14.10 -36.89
N THR A 139 -3.15 13.63 -37.77
CA THR A 139 -3.17 14.03 -39.17
C THR A 139 -3.35 12.82 -40.07
N THR A 140 -3.04 11.63 -39.55
CA THR A 140 -3.29 10.37 -40.27
C THR A 140 -3.80 9.31 -39.28
N PRO A 141 -4.51 8.30 -39.80
CA PRO A 141 -4.94 7.21 -38.90
C PRO A 141 -3.77 6.39 -38.36
N SER A 142 -2.67 6.35 -39.08
CA SER A 142 -1.55 5.45 -38.73
C SER A 142 -0.46 6.11 -37.88
N GLY A 143 -0.37 7.44 -37.93
CA GLY A 143 0.70 8.16 -37.25
C GLY A 143 1.83 8.48 -38.20
N LEU A 144 1.70 8.03 -39.44
CA LEU A 144 2.65 8.41 -40.47
C LEU A 144 2.49 9.91 -40.72
N ASP A 145 3.53 10.56 -41.23
CA ASP A 145 3.39 11.96 -41.61
C ASP A 145 2.32 12.07 -42.69
N GLY A 146 1.43 13.03 -42.55
CA GLY A 146 0.42 13.25 -43.57
C GLY A 146 0.56 14.63 -44.18
N PRO A 147 -0.39 14.98 -45.07
CA PRO A 147 -0.42 16.31 -45.67
C PRO A 147 -0.62 17.38 -44.62
N GLY A 148 -1.30 17.05 -43.52
CA GLY A 148 -1.49 17.98 -42.43
C GLY A 148 -0.28 18.09 -41.51
N GLY A 149 0.77 17.33 -41.82
CA GLY A 149 1.97 17.34 -41.01
C GLY A 149 2.17 16.05 -40.22
N SER A 150 3.00 16.13 -39.19
CA SER A 150 3.38 14.97 -38.38
C SER A 150 2.36 14.68 -37.29
N GLY A 151 1.55 15.67 -36.97
CA GLY A 151 0.59 15.53 -35.88
C GLY A 151 1.28 15.80 -34.56
N ALA A 152 0.53 15.68 -33.47
CA ALA A 152 1.05 16.06 -32.17
C ALA A 152 0.33 15.33 -31.06
N SER A 153 1.07 15.02 -30.00
CA SER A 153 0.46 14.66 -28.73
C SER A 153 1.45 15.01 -27.62
N THR A 154 1.09 14.69 -26.38
CA THR A 154 1.99 14.95 -25.25
C THR A 154 2.00 13.68 -24.44
N ALA A 155 3.02 13.51 -23.60
CA ALA A 155 3.08 12.36 -22.71
C ALA A 155 1.80 12.28 -21.87
N HIS A 156 1.37 13.43 -21.36
CA HIS A 156 0.13 13.53 -20.61
C HIS A 156 -1.07 13.06 -21.43
N ASP A 157 -1.26 13.61 -22.64
CA ASP A 157 -2.39 13.18 -23.46
C ASP A 157 -2.32 11.69 -23.83
N LEU A 158 -1.11 11.18 -24.09
CA LEU A 158 -0.99 9.77 -24.44
C LEU A 158 -1.51 8.84 -23.33
N VAL A 159 -1.18 9.13 -22.08
CA VAL A 159 -1.65 8.28 -20.98
C VAL A 159 -3.14 8.48 -20.74
N VAL A 160 -3.65 9.68 -21.00
CA VAL A 160 -5.08 9.93 -20.91
C VAL A 160 -5.80 9.09 -21.95
N ILE A 161 -5.24 9.05 -23.15
CA ILE A 161 -5.85 8.25 -24.23
C ILE A 161 -5.73 6.76 -23.93
N PHE A 162 -4.56 6.34 -23.46
CA PHE A 162 -4.37 4.92 -23.14
C PHE A 162 -5.24 4.43 -21.98
N ARG A 163 -5.45 5.31 -21.02
CA ARG A 163 -6.30 5.01 -19.87
C ARG A 163 -7.73 4.74 -20.32
N ALA A 164 -8.21 5.52 -21.29
CA ALA A 164 -9.54 5.32 -21.84
C ALA A 164 -9.60 4.00 -22.59
N ALA A 165 -8.54 3.69 -23.33
CA ALA A 165 -8.50 2.45 -24.10
C ALA A 165 -8.46 1.23 -23.19
N ALA A 167 -9.79 0.84 -20.41
CA ALA A 167 -11.09 0.63 -19.80
C ALA A 167 -11.98 -0.25 -20.67
N ASN A 168 -11.67 -0.32 -21.96
CA ASN A 168 -12.42 -1.17 -22.88
C ASN A 168 -11.90 -2.61 -22.81
N PRO A 169 -12.78 -3.56 -22.46
CA PRO A 169 -12.32 -4.94 -22.24
C PRO A 169 -11.72 -5.59 -23.49
N VAL A 170 -12.22 -5.26 -24.67
CA VAL A 170 -11.62 -5.82 -25.88
C VAL A 170 -10.24 -5.26 -26.14
N PHE A 171 -10.08 -3.94 -25.95
CA PHE A 171 -8.76 -3.35 -26.13
C PHE A 171 -7.77 -3.98 -25.15
N ALA A 172 -8.17 -4.07 -23.89
CA ALA A 172 -7.30 -4.67 -22.86
C ALA A 172 -6.91 -6.10 -23.23
N GLN A 173 -7.83 -6.84 -23.82
CA GLN A 173 -7.54 -8.21 -24.24
C GLN A 173 -6.51 -8.22 -25.37
N ILE A 174 -6.75 -7.41 -26.40
CA ILE A 174 -5.88 -7.39 -27.58
C ILE A 174 -4.46 -6.94 -27.25
N THR A 175 -4.33 -5.84 -26.54
CA THR A 175 -3.01 -5.25 -26.27
C THR A 175 -2.15 -6.22 -25.45
N ALA A 176 -2.80 -7.15 -24.76
CA ALA A 176 -2.11 -8.14 -23.95
C ALA A 176 -1.93 -9.52 -24.61
N GLU A 177 -2.60 -9.76 -25.74
CA GLU A 177 -2.45 -11.02 -26.48
C GLU A 177 -1.01 -11.23 -26.95
N PRO A 178 -0.46 -12.44 -26.76
CA PRO A 178 0.88 -12.68 -27.29
C PRO A 178 0.86 -12.85 -28.80
N SER A 179 -0.29 -13.23 -29.36
CA SER A 179 -0.38 -13.53 -30.78
C SER A 179 -1.82 -13.49 -31.27
N ALA A 180 -1.99 -13.49 -32.59
CA ALA A 180 -3.30 -13.53 -33.18
C ALA A 180 -3.21 -14.16 -34.56
N PHE A 182 -4.17 -14.02 -38.49
CA PHE A 182 -4.55 -13.04 -39.50
C PHE A 182 -4.68 -13.75 -40.86
N PRO A 183 -5.70 -13.37 -41.65
CA PRO A 183 -5.93 -14.02 -42.95
C PRO A 183 -4.73 -13.89 -43.88
N SER A 184 -4.49 -14.93 -44.68
CA SER A 184 -3.47 -14.91 -45.71
C SER A 184 -4.01 -15.67 -46.90
N ASP A 185 -3.26 -15.73 -47.98
CA ASP A 185 -3.65 -16.54 -49.13
C ASP A 185 -3.86 -17.99 -48.71
N ASN A 186 -2.82 -18.59 -48.13
CA ASN A 186 -2.87 -20.00 -47.70
C ASN A 186 -3.69 -20.26 -46.43
N GLY A 187 -4.64 -19.38 -46.13
CA GLY A 187 -5.49 -19.57 -44.97
C GLY A 187 -5.31 -18.49 -43.93
N GLU A 188 -4.53 -18.80 -42.89
CA GLU A 188 -4.27 -17.83 -41.83
C GLU A 188 -2.84 -17.92 -41.32
N GLN A 189 -2.25 -16.76 -41.04
CA GLN A 189 -0.87 -16.65 -40.58
C GLN A 189 -0.89 -16.13 -39.16
N LEU A 190 -0.09 -16.74 -38.28
CA LEU A 190 0.02 -16.26 -36.92
C LEU A 190 0.89 -14.99 -36.89
N ILE A 191 0.36 -13.90 -36.32
CA ILE A 191 1.17 -12.71 -36.09
C ILE A 191 1.45 -12.56 -34.59
N VAL A 192 2.63 -12.03 -34.26
CA VAL A 192 3.03 -11.92 -32.86
C VAL A 192 3.03 -10.46 -32.40
N ASN A 193 2.75 -10.27 -31.12
CA ASN A 193 2.74 -8.95 -30.52
C ASN A 193 4.16 -8.42 -30.43
N GLN A 194 4.41 -7.25 -31.00
CA GLN A 194 5.77 -6.68 -31.02
C GLN A 194 6.15 -5.96 -29.72
N ASP A 195 5.19 -5.85 -28.79
CA ASP A 195 5.44 -5.18 -27.51
C ASP A 195 6.24 -6.09 -26.59
N GLU A 196 7.55 -5.86 -26.55
CA GLU A 196 8.46 -6.72 -25.79
C GLU A 196 8.33 -6.52 -24.28
N LEU A 197 7.65 -5.46 -23.87
CA LEU A 197 7.42 -5.26 -22.45
C LEU A 197 6.60 -6.44 -21.88
N LEU A 198 5.70 -7.00 -22.69
CA LEU A 198 4.89 -8.14 -22.24
C LEU A 198 5.77 -9.32 -21.85
N GLN A 199 6.85 -9.51 -22.60
CA GLN A 199 7.75 -10.63 -22.37
C GLN A 199 8.84 -10.33 -21.33
N ARG A 200 9.23 -9.07 -21.21
CA ARG A 200 10.38 -8.74 -20.35
C ARG A 200 10.00 -8.26 -18.96
N TYR A 201 8.78 -7.76 -18.82
CA TYR A 201 8.38 -7.12 -17.57
C TYR A 201 7.12 -7.75 -16.99
N PRO A 202 7.29 -8.64 -15.99
CA PRO A 202 6.15 -9.24 -15.30
C PRO A 202 5.17 -8.18 -14.80
N GLY A 203 3.90 -8.35 -15.15
CA GLY A 203 2.88 -7.40 -14.75
C GLY A 203 2.51 -6.39 -15.83
N ALA A 204 3.26 -6.34 -16.92
CA ALA A 204 2.87 -5.48 -18.04
C ALA A 204 1.49 -5.91 -18.55
N ILE A 205 0.61 -4.96 -18.89
CA ILE A 205 -0.74 -5.31 -19.34
C ILE A 205 -1.07 -4.72 -20.70
N GLY A 206 -0.13 -4.00 -21.30
CA GLY A 206 -0.38 -3.45 -22.62
C GLY A 206 0.58 -2.34 -22.98
N GLY A 207 0.70 -2.06 -24.27
CA GLY A 207 1.60 -1.01 -24.69
C GLY A 207 1.57 -0.85 -26.18
N LYS A 208 2.05 0.30 -26.64
CA LYS A 208 2.12 0.56 -28.06
C LYS A 208 3.37 1.38 -28.33
N THR A 209 4.21 0.92 -29.25
CA THR A 209 5.43 1.64 -29.61
C THR A 209 5.24 2.41 -30.90
N GLY A 210 6.14 3.35 -31.16
CA GLY A 210 6.11 4.05 -32.43
C GLY A 210 7.46 4.64 -32.83
N TYR A 211 7.66 4.82 -34.13
CA TYR A 211 8.83 5.55 -34.60
C TYR A 211 8.54 6.21 -35.94
N THR A 212 8.99 7.45 -36.08
CA THR A 212 9.17 8.08 -37.37
C THR A 212 10.38 8.97 -37.23
N ASN A 213 10.88 9.49 -38.34
CA ASN A 213 12.02 10.39 -38.29
C ASN A 213 11.68 11.65 -37.48
N ALA A 214 10.47 12.17 -37.67
CA ALA A 214 10.04 13.38 -36.97
C ALA A 214 9.68 13.13 -35.50
N ALA A 215 9.10 11.97 -35.20
CA ALA A 215 8.69 11.65 -33.83
C ALA A 215 9.83 11.10 -32.98
N ARG A 216 10.84 10.56 -33.65
CA ARG A 216 11.81 9.67 -33.00
C ARG A 216 11.04 8.53 -32.31
N LYS A 217 11.52 8.02 -31.19
CA LYS A 217 10.84 6.86 -30.58
C LYS A 217 9.74 7.30 -29.63
N THR A 218 8.58 6.65 -29.73
CA THR A 218 7.50 6.91 -28.78
C THR A 218 6.99 5.60 -28.16
N PHE A 219 6.35 5.71 -27.01
CA PHE A 219 5.78 4.54 -26.37
C PHE A 219 4.76 4.99 -25.35
N VAL A 220 3.69 4.21 -25.24
CA VAL A 220 2.71 4.37 -24.18
C VAL A 220 2.34 2.97 -23.73
N GLY A 221 2.15 2.77 -22.43
CA GLY A 221 1.79 1.45 -21.96
C GLY A 221 1.47 1.37 -20.49
N ALA A 222 1.10 0.19 -20.02
CA ALA A 222 0.65 0.06 -18.64
C ALA A 222 1.12 -1.24 -18.00
N ALA A 223 1.18 -1.24 -16.67
CA ALA A 223 1.57 -2.43 -15.91
C ALA A 223 0.83 -2.43 -14.58
N ALA A 224 0.72 -3.60 -13.96
CA ALA A 224 0.10 -3.74 -12.64
C ALA A 224 1.03 -4.55 -11.76
N ARG A 225 1.29 -4.05 -10.55
CA ARG A 225 2.04 -4.78 -9.54
C ARG A 225 1.59 -4.37 -8.15
N GLY A 226 1.46 -5.34 -7.26
CA GLY A 226 1.23 -5.05 -5.84
C GLY A 226 -0.07 -4.32 -5.61
N GLY A 227 -1.02 -4.48 -6.51
CA GLY A 227 -2.35 -3.91 -6.31
C GLY A 227 -2.53 -2.54 -6.94
N ARG A 228 -1.45 -1.98 -7.47
CA ARG A 228 -1.51 -0.67 -8.14
C ARG A 228 -1.31 -0.85 -9.65
N ARG A 229 -1.94 0.00 -10.45
CA ARG A 229 -1.77 -0.07 -11.89
C ARG A 229 -1.25 1.26 -12.41
N LEU A 230 -0.19 1.21 -13.20
CA LEU A 230 0.47 2.43 -13.67
C LEU A 230 0.39 2.52 -15.17
N VAL A 231 0.45 3.75 -15.67
CA VAL A 231 0.48 3.98 -17.09
C VAL A 231 1.60 4.99 -17.36
N ILE A 232 2.40 4.73 -18.38
CA ILE A 232 3.49 5.65 -18.70
C ILE A 232 3.46 5.98 -20.17
N ALA A 233 4.07 7.09 -20.51
CA ALA A 233 4.32 7.43 -21.92
C ALA A 233 5.69 8.05 -22.03
N TYR A 236 9.81 11.24 -28.12
CA TYR A 236 10.93 11.98 -28.71
C TYR A 236 12.29 11.51 -28.21
N GLY A 237 12.54 10.21 -28.30
CA GLY A 237 13.77 9.65 -27.77
C GLY A 237 14.58 8.88 -28.78
N LEU A 238 15.89 8.84 -28.58
CA LEU A 238 16.77 8.03 -29.39
C LEU A 238 17.73 7.25 -28.49
N VAL A 239 17.86 5.95 -28.74
CA VAL A 239 18.74 5.11 -27.96
C VAL A 239 20.21 5.25 -28.41
N LYS A 240 21.09 5.52 -27.45
CA LYS A 240 22.52 5.62 -27.75
C LYS A 240 23.19 4.27 -27.51
N GLU A 241 24.26 4.00 -28.26
CA GLU A 241 25.04 2.78 -28.07
C GLU A 241 25.45 2.64 -26.61
N GLY A 242 25.18 1.47 -26.02
CA GLY A 242 25.51 1.23 -24.63
C GLY A 242 24.72 2.06 -23.65
N GLY A 243 23.67 2.71 -24.15
CA GLY A 243 22.77 3.46 -23.30
C GLY A 243 21.58 2.59 -23.00
N PRO A 244 20.65 3.06 -22.14
CA PRO A 244 19.41 2.29 -21.92
C PRO A 244 18.55 2.31 -23.18
N THR A 245 17.87 1.21 -23.46
CA THR A 245 16.92 1.14 -24.56
C THR A 245 15.58 1.65 -24.09
N TYR A 246 14.61 1.74 -25.00
CA TYR A 246 13.29 2.17 -24.59
C TYR A 246 12.67 1.12 -23.65
N TRP A 247 13.00 -0.15 -23.85
CA TRP A 247 12.44 -1.20 -22.99
C TRP A 247 13.01 -1.07 -21.59
N ASP A 248 14.30 -0.72 -21.51
CA ASP A 248 15.00 -0.51 -20.24
C ASP A 248 14.35 0.63 -19.46
N GLN A 249 14.18 1.78 -20.11
CA GLN A 249 13.67 2.96 -19.43
C GLN A 249 12.21 2.77 -19.01
N ALA A 250 11.43 2.03 -19.79
CA ALA A 250 10.05 1.76 -19.43
C ALA A 250 10.02 0.92 -18.17
N ALA A 251 10.87 -0.09 -18.11
CA ALA A 251 10.91 -0.96 -16.93
C ALA A 251 11.43 -0.15 -15.73
N THR A 252 12.39 0.73 -15.97
CA THR A 252 12.91 1.60 -14.93
C THR A 252 11.83 2.53 -14.36
N LEU A 253 11.00 3.11 -15.24
CA LEU A 253 9.92 3.99 -14.79
C LEU A 253 8.84 3.25 -14.03
N PHE A 254 8.44 2.09 -14.53
CA PHE A 254 7.46 1.25 -13.82
C PHE A 254 7.98 0.84 -12.45
N ASP A 255 9.22 0.33 -12.41
CA ASP A 255 9.85 -0.07 -11.15
C ASP A 255 9.87 1.10 -10.16
N TRP A 256 10.29 2.26 -10.64
CA TRP A 256 10.34 3.45 -9.79
C TRP A 256 8.94 3.80 -9.27
N GLY A 257 7.94 3.71 -10.14
CA GLY A 257 6.58 4.02 -9.77
C GLY A 257 6.00 3.04 -8.74
N PHE A 258 6.33 1.77 -8.89
CA PHE A 258 5.80 0.76 -7.99
C PHE A 258 6.46 0.82 -6.63
N ALA A 259 7.70 1.33 -6.61
CA ALA A 259 8.44 1.45 -5.37
C ALA A 259 8.06 2.72 -4.61
N LEU A 260 7.42 3.66 -5.31
CA LEU A 260 7.08 4.96 -4.72
C LEU A 260 6.04 4.83 -3.61
N ASN A 261 6.26 5.53 -2.52
CA ASN A 261 5.25 5.68 -1.47
C ASN A 261 3.94 6.10 -2.13
N PRO A 262 2.87 5.32 -1.89
CA PRO A 262 1.60 5.53 -2.62
C PRO A 262 0.97 6.90 -2.37
N GLN A 263 1.32 7.57 -1.27
CA GLN A 263 0.81 8.91 -1.01
C GLN A 263 1.52 10.02 -1.78
N ALA A 264 2.66 9.71 -2.42
CA ALA A 264 3.43 10.76 -3.08
C ALA A 264 2.96 11.00 -4.50
N SER A 265 2.90 12.26 -4.91
CA SER A 265 2.49 12.60 -6.28
C SER A 265 2.90 14.03 -6.64
N VAL A 266 2.88 14.36 -7.93
CA VAL A 266 3.23 15.71 -8.34
C VAL A 266 2.07 16.43 -9.01
N GLY A 267 1.00 15.71 -9.29
CA GLY A 267 -0.20 16.33 -9.80
C GLY A 267 -1.24 15.30 -10.19
N SER A 268 -2.12 15.66 -11.12
CA SER A 268 -3.12 14.71 -11.60
C SER A 268 -3.42 14.91 -13.07
N LEU A 269 -3.97 13.88 -13.69
CA LEU A 269 -4.28 13.91 -15.10
C LEU A 269 -5.42 14.88 -15.39
N ASP B 6 2.98 -36.61 -7.21
CA ASP B 6 3.02 -35.57 -8.23
C ASP B 6 3.55 -36.11 -9.56
N VAL B 7 2.91 -35.71 -10.65
CA VAL B 7 3.37 -36.07 -12.00
C VAL B 7 3.97 -34.81 -12.62
N GLN B 8 5.21 -34.91 -13.08
CA GLN B 8 5.86 -33.78 -13.73
C GLN B 8 6.81 -34.32 -14.80
N PRO B 9 7.27 -33.45 -15.72
CA PRO B 9 8.13 -33.98 -16.80
C PRO B 9 9.43 -34.57 -16.28
N ALA B 10 9.90 -35.64 -16.90
CA ALA B 10 11.17 -36.25 -16.52
C ALA B 10 12.28 -35.21 -16.54
N GLY B 11 13.14 -35.24 -15.52
CA GLY B 11 14.29 -34.33 -15.48
C GLY B 11 13.99 -32.93 -14.96
N SER B 12 12.72 -32.59 -14.77
CA SER B 12 12.39 -31.25 -14.29
C SER B 12 12.74 -31.09 -12.80
N VAL B 13 12.99 -29.85 -12.40
CA VAL B 13 13.22 -29.49 -11.02
C VAL B 13 12.06 -29.97 -10.17
N PRO B 14 12.35 -30.65 -9.04
CA PRO B 14 11.31 -31.14 -8.14
C PRO B 14 10.42 -30.01 -7.65
N ILE B 15 9.12 -30.25 -7.60
CA ILE B 15 8.17 -29.23 -7.16
C ILE B 15 8.02 -29.28 -5.65
N PRO B 16 8.22 -28.13 -4.97
CA PRO B 16 8.17 -28.10 -3.51
C PRO B 16 6.81 -28.50 -2.98
N ASP B 17 6.77 -29.06 -1.77
CA ASP B 17 5.52 -29.46 -1.14
C ASP B 17 4.74 -28.23 -0.65
N GLY B 18 3.41 -28.36 -0.62
CA GLY B 18 2.54 -27.31 -0.13
C GLY B 18 1.26 -27.88 0.46
N PRO B 19 0.37 -27.01 0.94
CA PRO B 19 -0.88 -27.42 1.61
C PRO B 19 -1.95 -28.01 0.71
N ALA B 20 -1.99 -27.62 -0.56
CA ALA B 20 -3.02 -28.13 -1.47
C ALA B 20 -2.85 -29.63 -1.71
N GLN B 21 -3.92 -30.41 -1.49
CA GLN B 21 -3.83 -31.86 -1.64
C GLN B 21 -3.97 -32.31 -3.09
N THR B 22 -4.64 -31.50 -3.91
CA THR B 22 -4.64 -31.73 -5.34
C THR B 22 -4.31 -30.42 -6.03
N TRP B 23 -3.65 -30.49 -7.18
CA TRP B 23 -3.37 -29.29 -7.97
C TRP B 23 -3.00 -29.65 -9.40
N ILE B 24 -2.93 -28.62 -10.24
CA ILE B 24 -2.55 -28.80 -11.62
C ILE B 24 -1.96 -27.49 -12.13
N VAL B 25 -1.00 -27.60 -13.05
CA VAL B 25 -0.47 -26.43 -13.73
C VAL B 25 -0.59 -26.66 -15.22
N ALA B 26 -1.17 -25.70 -15.93
CA ALA B 26 -1.41 -25.88 -17.36
C ALA B 26 -1.17 -24.58 -18.11
N ASP B 27 -0.95 -24.69 -19.42
CA ASP B 27 -0.78 -23.53 -20.30
C ASP B 27 -2.16 -23.04 -20.74
N LEU B 28 -2.44 -21.78 -20.45
CA LEU B 28 -3.76 -21.19 -20.68
C LEU B 28 -4.11 -21.19 -22.17
N ASP B 29 -3.08 -21.06 -23.00
CA ASP B 29 -3.29 -20.90 -24.44
C ASP B 29 -3.24 -22.23 -25.16
N SER B 30 -2.19 -23.01 -24.92
CA SER B 30 -1.99 -24.27 -25.63
C SER B 30 -2.79 -25.43 -25.03
N GLY B 31 -3.10 -25.34 -23.74
CA GLY B 31 -3.80 -26.42 -23.06
C GLY B 31 -2.92 -27.58 -22.64
N GLN B 32 -1.59 -27.41 -22.72
CA GLN B 32 -0.69 -28.45 -22.23
C GLN B 32 -0.78 -28.48 -20.72
N VAL B 33 -0.75 -29.67 -20.15
CA VAL B 33 -0.60 -29.81 -18.70
C VAL B 33 0.88 -29.97 -18.39
N LEU B 34 1.39 -29.09 -17.52
CA LEU B 34 2.83 -29.07 -17.22
C LEU B 34 3.11 -30.02 -16.07
N ALA B 35 2.23 -30.03 -15.07
CA ALA B 35 2.39 -30.90 -13.91
C ALA B 35 1.08 -31.03 -13.17
N GLY B 36 1.00 -32.00 -12.25
CA GLY B 36 -0.22 -32.15 -11.49
C GLY B 36 -0.08 -33.14 -10.37
N ARG B 37 -0.92 -32.96 -9.35
CA ARG B 37 -1.02 -33.95 -8.29
C ARG B 37 -2.49 -34.31 -8.11
N ASP B 38 -2.82 -35.59 -8.33
CA ASP B 38 -4.21 -36.04 -8.20
C ASP B 38 -5.18 -35.09 -8.89
N GLN B 39 -4.79 -34.61 -10.09
CA GLN B 39 -5.56 -33.56 -10.76
C GLN B 39 -6.95 -34.01 -11.18
N ASN B 40 -7.23 -35.31 -11.10
CA ASN B 40 -8.55 -35.82 -11.48
C ASN B 40 -9.34 -36.37 -10.30
N VAL B 41 -8.88 -36.10 -9.08
CA VAL B 41 -9.59 -36.56 -7.88
C VAL B 41 -10.65 -35.52 -7.48
N ALA B 42 -11.90 -35.95 -7.33
CA ALA B 42 -12.98 -34.99 -7.10
C ALA B 42 -13.07 -34.53 -5.64
N HIS B 43 -13.37 -33.25 -5.45
CA HIS B 43 -13.51 -32.65 -4.12
C HIS B 43 -14.51 -31.50 -4.26
N PRO B 44 -15.09 -31.05 -3.14
CA PRO B 44 -16.01 -29.89 -3.21
C PRO B 44 -15.29 -28.61 -3.64
N PRO B 45 -15.92 -27.83 -4.54
CA PRO B 45 -15.27 -26.65 -5.12
C PRO B 45 -15.33 -25.40 -4.26
N ALA B 46 -16.30 -25.33 -3.36
CA ALA B 46 -16.63 -24.07 -2.68
C ALA B 46 -16.75 -22.96 -3.71
N SER B 47 -16.33 -21.75 -3.36
CA SER B 47 -16.59 -20.60 -4.24
C SER B 47 -15.92 -20.60 -5.62
N THR B 48 -14.97 -21.51 -5.87
CA THR B 48 -14.40 -21.60 -7.21
C THR B 48 -15.48 -21.90 -8.24
N ILE B 49 -16.57 -22.55 -7.81
CA ILE B 49 -17.65 -22.89 -8.73
C ILE B 49 -18.36 -21.62 -9.21
N LYS B 50 -18.18 -20.50 -8.52
CA LYS B 50 -18.76 -19.24 -8.98
C LYS B 50 -18.27 -18.85 -10.37
N VAL B 51 -17.09 -19.34 -10.77
CA VAL B 51 -16.55 -19.06 -12.10
C VAL B 51 -17.46 -19.71 -13.15
N LEU B 52 -17.96 -20.90 -12.84
CA LEU B 52 -18.87 -21.60 -13.75
C LEU B 52 -20.21 -20.87 -13.87
N LEU B 53 -20.68 -20.31 -12.75
CA LEU B 53 -21.89 -19.49 -12.77
C LEU B 53 -21.66 -18.25 -13.62
N ALA B 54 -20.49 -17.62 -13.45
CA ALA B 54 -20.17 -16.40 -14.20
C ALA B 54 -20.20 -16.68 -15.70
N LEU B 55 -19.71 -17.87 -16.06
CA LEU B 55 -19.72 -18.35 -17.44
C LEU B 55 -21.14 -18.46 -17.99
N VAL B 56 -22.03 -19.04 -17.20
CA VAL B 56 -23.42 -19.14 -17.60
C VAL B 56 -24.03 -17.75 -17.74
N ALA B 57 -23.73 -16.88 -16.78
CA ALA B 57 -24.30 -15.52 -16.80
C ALA B 57 -23.84 -14.74 -18.03
N LEU B 58 -22.55 -14.83 -18.35
CA LEU B 58 -21.99 -14.12 -19.49
C LEU B 58 -22.54 -14.66 -20.81
N ASP B 59 -22.80 -15.96 -20.86
CA ASP B 59 -23.36 -16.57 -22.05
C ASP B 59 -24.83 -16.19 -22.30
N GLU B 60 -25.58 -16.00 -21.23
CA GLU B 60 -27.04 -15.89 -21.37
C GLU B 60 -27.64 -14.50 -21.12
N LEU B 61 -26.92 -13.65 -20.40
CA LEU B 61 -27.44 -12.33 -20.04
C LEU B 61 -26.64 -11.22 -20.71
N ASP B 62 -27.33 -10.14 -21.05
CA ASP B 62 -26.62 -8.95 -21.49
C ASP B 62 -26.11 -8.29 -20.21
N LEU B 63 -24.91 -7.72 -20.26
CA LEU B 63 -24.29 -7.13 -19.08
C LEU B 63 -25.11 -5.99 -18.49
N ASN B 64 -25.96 -5.38 -19.32
CA ASN B 64 -26.85 -4.32 -18.87
C ASN B 64 -28.27 -4.77 -18.58
N SER B 65 -28.57 -6.04 -18.83
CA SER B 65 -29.87 -6.60 -18.43
C SER B 65 -29.97 -6.46 -16.90
N THR B 66 -31.19 -6.39 -16.38
CA THR B 66 -31.40 -6.03 -14.99
C THR B 66 -32.38 -6.95 -14.28
N VAL B 67 -32.37 -6.92 -12.95
CA VAL B 67 -33.32 -7.70 -12.18
C VAL B 67 -33.67 -6.91 -10.92
N VAL B 68 -34.91 -7.00 -10.47
CA VAL B 68 -35.27 -6.47 -9.16
C VAL B 68 -35.07 -7.60 -8.14
N ALA B 69 -34.18 -7.42 -7.17
CA ALA B 69 -33.87 -8.46 -6.18
C ALA B 69 -35.05 -8.79 -5.26
N ASP B 70 -35.20 -10.09 -4.99
CA ASP B 70 -36.23 -10.60 -4.06
C ASP B 70 -35.64 -10.78 -2.67
N VAL B 71 -36.50 -10.88 -1.66
CA VAL B 71 -36.07 -11.26 -0.32
C VAL B 71 -35.36 -12.62 -0.35
N ALA B 72 -35.89 -13.53 -1.18
CA ALA B 72 -35.30 -14.87 -1.30
C ALA B 72 -33.86 -14.85 -1.80
N ASP B 73 -33.51 -13.82 -2.55
CA ASP B 73 -32.17 -13.70 -3.13
C ASP B 73 -31.13 -13.30 -2.07
N THR B 74 -31.60 -12.86 -0.91
CA THR B 74 -30.71 -12.29 0.11
C THR B 74 -30.61 -13.12 1.39
N GLN B 75 -30.98 -14.39 1.31
CA GLN B 75 -31.06 -15.22 2.52
C GLN B 75 -29.84 -16.12 2.74
N ALA B 76 -28.85 -16.05 1.85
CA ALA B 76 -27.65 -16.86 2.03
C ALA B 76 -26.71 -16.24 3.07
N GLU B 77 -25.93 -17.08 3.75
CA GLU B 77 -24.89 -16.60 4.64
C GLU B 77 -23.83 -15.82 3.83
N CYS B 78 -23.00 -15.07 4.53
CA CYS B 78 -22.01 -14.23 3.84
C CYS B 78 -20.81 -15.08 3.38
N ASN B 79 -19.91 -14.60 2.52
CA ASN B 79 -19.83 -13.23 1.97
C ASN B 79 -21.08 -12.69 1.29
N CYS B 80 -21.42 -11.45 1.59
CA CYS B 80 -22.51 -10.73 0.93
C CYS B 80 -21.95 -9.45 0.34
N VAL B 81 -22.35 -9.14 -0.88
CA VAL B 81 -21.97 -7.87 -1.47
C VAL B 81 -22.95 -6.78 -1.02
N GLY B 82 -24.15 -7.18 -0.59
CA GLY B 82 -25.11 -6.24 -0.03
C GLY B 82 -26.32 -5.99 -0.92
N VAL B 83 -26.71 -7.02 -1.66
CA VAL B 83 -27.95 -6.96 -2.44
C VAL B 83 -29.12 -6.64 -1.50
N LYS B 84 -29.99 -5.74 -1.94
CA LYS B 84 -31.12 -5.31 -1.12
C LYS B 84 -32.43 -5.60 -1.85
N PRO B 85 -33.38 -6.25 -1.16
CA PRO B 85 -34.68 -6.58 -1.76
C PRO B 85 -35.38 -5.34 -2.30
N GLY B 86 -35.92 -5.44 -3.52
CA GLY B 86 -36.65 -4.33 -4.10
C GLY B 86 -35.75 -3.39 -4.89
N ARG B 87 -34.45 -3.56 -4.77
CA ARG B 87 -33.51 -2.75 -5.56
C ARG B 87 -33.16 -3.44 -6.87
N SER B 88 -32.89 -2.64 -7.91
CA SER B 88 -32.50 -3.19 -9.22
C SER B 88 -31.00 -3.20 -9.43
N TYR B 89 -30.51 -4.27 -10.05
CA TYR B 89 -29.09 -4.46 -10.32
C TYR B 89 -28.88 -4.90 -11.76
N THR B 90 -27.75 -4.51 -12.34
CA THR B 90 -27.40 -5.02 -13.66
C THR B 90 -26.66 -6.33 -13.48
N ALA B 91 -26.58 -7.10 -14.56
CA ALA B 91 -25.79 -8.31 -14.58
C ALA B 91 -24.32 -8.01 -14.26
N ARG B 92 -23.79 -6.92 -14.81
CA ARG B 92 -22.39 -6.55 -14.54
C ARG B 92 -22.15 -6.27 -13.05
N GLN B 93 -23.05 -5.52 -12.43
CA GLN B 93 -22.94 -5.24 -10.99
C GLN B 93 -22.91 -6.54 -10.17
N LEU B 94 -23.78 -7.48 -10.50
CA LEU B 94 -23.82 -8.73 -9.78
C LEU B 94 -22.57 -9.59 -10.06
N LEU B 95 -22.06 -9.55 -11.30
CA LEU B 95 -20.85 -10.30 -11.63
C LEU B 95 -19.63 -9.73 -10.89
N ASP B 96 -19.60 -8.40 -10.77
CA ASP B 96 -18.60 -7.72 -9.95
C ASP B 96 -18.71 -8.21 -8.51
N GLY B 97 -19.92 -8.25 -7.96
CA GLY B 97 -20.09 -8.69 -6.58
C GLY B 97 -19.71 -10.15 -6.44
N LEU B 98 -20.11 -10.95 -7.43
CA LEU B 98 -19.84 -12.37 -7.46
C LEU B 98 -18.33 -12.68 -7.42
N LEU B 99 -17.58 -11.99 -8.28
CA LEU B 99 -16.18 -12.35 -8.52
C LEU B 99 -15.15 -11.57 -7.70
N LEU B 100 -15.51 -10.37 -7.24
CA LEU B 100 -14.61 -9.57 -6.42
C LEU B 100 -14.71 -9.90 -4.95
N VAL B 101 -15.94 -10.09 -4.46
CA VAL B 101 -16.11 -10.30 -3.02
C VAL B 101 -16.76 -11.62 -2.69
N SER B 102 -16.93 -12.46 -3.72
CA SER B 102 -17.52 -13.78 -3.53
C SER B 102 -18.92 -13.71 -2.90
N GLY B 103 -19.73 -12.74 -3.34
CA GLY B 103 -21.05 -12.53 -2.76
C GLY B 103 -21.99 -13.69 -3.04
N ASN B 104 -22.49 -14.34 -2.00
CA ASN B 104 -23.47 -15.40 -2.18
C ASN B 104 -24.84 -14.82 -2.54
N ASP B 105 -25.09 -13.59 -2.07
CA ASP B 105 -26.30 -12.89 -2.48
C ASP B 105 -26.21 -12.52 -3.96
N ALA B 106 -25.02 -12.14 -4.42
CA ALA B 106 -24.84 -11.85 -5.84
C ALA B 106 -25.10 -13.11 -6.65
N ALA B 107 -24.60 -14.25 -6.16
CA ALA B 107 -24.79 -15.51 -6.87
C ALA B 107 -26.26 -15.86 -6.97
N ASN B 108 -27.00 -15.68 -5.88
CA ASN B 108 -28.40 -16.10 -5.89
C ASN B 108 -29.27 -15.17 -6.72
N THR B 109 -28.85 -13.92 -6.83
CA THR B 109 -29.62 -12.95 -7.60
C THR B 109 -29.39 -13.15 -9.10
N LEU B 110 -28.16 -13.52 -9.46
CA LEU B 110 -27.86 -13.94 -10.82
C LEU B 110 -28.68 -15.19 -11.14
N ALA B 111 -28.77 -16.11 -10.18
CA ALA B 111 -29.57 -17.32 -10.39
C ALA B 111 -31.03 -16.95 -10.70
N HIS B 112 -31.54 -15.97 -9.95
CA HIS B 112 -32.87 -15.41 -10.20
C HIS B 112 -32.99 -14.92 -11.65
N LEU B 114 -31.38 -15.87 -14.16
CA LEU B 114 -31.21 -16.99 -15.07
C LEU B 114 -32.34 -18.00 -15.00
N GLY B 115 -33.38 -17.70 -14.21
CA GLY B 115 -34.55 -18.56 -14.16
C GLY B 115 -34.77 -19.32 -12.85
N GLY B 116 -33.93 -19.03 -11.85
CA GLY B 116 -34.12 -19.65 -10.56
C GLY B 116 -32.97 -20.54 -10.15
N GLN B 117 -33.02 -21.04 -8.92
CA GLN B 117 -31.94 -21.81 -8.34
C GLN B 117 -31.65 -23.12 -9.07
N ASP B 118 -32.66 -23.98 -9.18
CA ASP B 118 -32.50 -25.29 -9.81
C ASP B 118 -32.14 -25.17 -11.30
N VAL B 119 -32.84 -24.27 -11.98
CA VAL B 119 -32.63 -24.01 -13.40
C VAL B 119 -31.19 -23.56 -13.63
N THR B 120 -30.72 -22.68 -12.77
CA THR B 120 -29.35 -22.18 -12.87
C THR B 120 -28.33 -23.29 -12.62
N VAL B 121 -28.58 -24.11 -11.60
CA VAL B 121 -27.66 -25.19 -11.28
C VAL B 121 -27.59 -26.19 -12.46
N ALA B 122 -28.73 -26.39 -13.10
CA ALA B 122 -28.80 -27.28 -14.25
C ALA B 122 -28.04 -26.72 -15.44
N LYS B 123 -28.12 -25.39 -15.63
CA LYS B 123 -27.34 -24.72 -16.69
C LYS B 123 -25.84 -24.80 -16.44
N ASN B 125 -24.35 -27.22 -14.77
CA ASN B 125 -23.92 -28.58 -15.01
C ASN B 125 -23.87 -28.90 -16.49
N ALA B 126 -24.77 -28.29 -17.27
CA ALA B 126 -24.77 -28.46 -18.72
C ALA B 126 -23.57 -27.79 -19.35
N LYS B 127 -23.18 -26.62 -18.83
CA LYS B 127 -22.02 -25.88 -19.31
C LYS B 127 -20.73 -26.64 -19.00
N ALA B 128 -20.65 -27.20 -17.80
CA ALA B 128 -19.48 -28.00 -17.41
C ALA B 128 -19.31 -29.16 -18.38
N ALA B 129 -20.42 -29.79 -18.75
CA ALA B 129 -20.39 -30.90 -19.70
C ALA B 129 -19.91 -30.47 -21.09
N THR B 130 -20.44 -29.38 -21.63
CA THR B 130 -20.00 -28.93 -22.95
C THR B 130 -18.52 -28.51 -23.00
N LEU B 131 -17.99 -28.07 -21.86
CA LEU B 131 -16.60 -27.66 -21.76
C LEU B 131 -15.67 -28.87 -21.67
N GLY B 132 -16.22 -30.03 -21.35
CA GLY B 132 -15.41 -31.21 -21.17
C GLY B 132 -14.97 -31.36 -19.72
N ALA B 133 -15.55 -30.55 -18.85
CA ALA B 133 -15.35 -30.71 -17.41
C ALA B 133 -16.25 -31.82 -16.89
N THR B 134 -15.91 -33.06 -17.23
CA THR B 134 -16.75 -34.22 -16.95
C THR B 134 -16.88 -34.63 -15.48
N SER B 135 -16.02 -34.10 -14.61
CA SER B 135 -16.03 -34.50 -13.22
C SER B 135 -16.66 -33.46 -12.33
N THR B 136 -17.24 -32.44 -12.94
CA THR B 136 -17.81 -31.33 -12.18
C THR B 136 -19.31 -31.48 -12.03
N HIS B 137 -19.80 -31.29 -10.80
CA HIS B 137 -21.23 -31.32 -10.52
C HIS B 137 -21.56 -30.21 -9.52
N ALA B 138 -22.25 -29.17 -9.99
CA ALA B 138 -22.66 -28.08 -9.11
C ALA B 138 -23.93 -28.47 -8.36
N THR B 139 -24.05 -28.03 -7.10
CA THR B 139 -25.29 -28.26 -6.33
C THR B 139 -25.99 -26.95 -5.94
N THR B 140 -25.24 -25.85 -5.92
CA THR B 140 -25.78 -24.52 -5.66
C THR B 140 -25.10 -23.51 -6.57
N PRO B 141 -25.75 -22.37 -6.83
CA PRO B 141 -25.11 -21.34 -7.66
C PRO B 141 -23.83 -20.80 -7.01
N SER B 142 -23.75 -20.84 -5.69
CA SER B 142 -22.69 -20.12 -4.97
C SER B 142 -21.52 -21.00 -4.53
N GLY B 143 -21.72 -22.31 -4.50
CA GLY B 143 -20.70 -23.20 -3.95
C GLY B 143 -20.89 -23.51 -2.48
N LEU B 144 -21.90 -22.88 -1.87
CA LEU B 144 -22.33 -23.27 -0.54
C LEU B 144 -22.87 -24.69 -0.62
N ASP B 145 -22.89 -25.40 0.50
CA ASP B 145 -23.54 -26.71 0.55
C ASP B 145 -25.02 -26.52 0.25
N GLY B 146 -25.62 -27.50 -0.42
CA GLY B 146 -27.02 -27.42 -0.77
C GLY B 146 -27.75 -28.73 -0.52
N PRO B 147 -29.06 -28.76 -0.85
CA PRO B 147 -29.89 -29.94 -0.64
C PRO B 147 -29.28 -31.19 -1.27
N GLY B 148 -28.63 -31.01 -2.42
CA GLY B 148 -27.95 -32.11 -3.10
C GLY B 148 -26.55 -32.40 -2.59
N GLY B 149 -26.05 -31.58 -1.66
CA GLY B 149 -24.74 -31.83 -1.08
C GLY B 149 -23.72 -30.76 -1.41
N SER B 150 -22.44 -31.08 -1.26
CA SER B 150 -21.37 -30.09 -1.38
C SER B 150 -20.95 -29.86 -2.84
N GLY B 151 -21.26 -30.80 -3.71
CA GLY B 151 -20.87 -30.70 -5.11
C GLY B 151 -19.48 -31.22 -5.33
N ALA B 152 -18.98 -31.12 -6.55
CA ALA B 152 -17.71 -31.75 -6.90
C ALA B 152 -17.04 -31.07 -8.09
N SER B 153 -15.71 -31.00 -8.06
CA SER B 153 -14.92 -30.68 -9.23
C SER B 153 -13.52 -31.25 -9.02
N THR B 154 -12.63 -31.03 -9.99
CA THR B 154 -11.27 -31.53 -9.88
C THR B 154 -10.34 -30.39 -10.25
N ALA B 155 -9.05 -30.52 -9.95
CA ALA B 155 -8.12 -29.47 -10.34
C ALA B 155 -8.14 -29.32 -11.88
N HIS B 156 -8.20 -30.45 -12.58
CA HIS B 156 -8.28 -30.47 -14.04
C HIS B 156 -9.49 -29.68 -14.51
N ASP B 157 -10.67 -30.00 -13.99
CA ASP B 157 -11.88 -29.32 -14.43
C ASP B 157 -11.88 -27.83 -14.12
N LEU B 158 -11.33 -27.45 -12.97
CA LEU B 158 -11.32 -26.04 -12.61
C LEU B 158 -10.53 -25.23 -13.63
N VAL B 159 -9.38 -25.74 -14.07
CA VAL B 159 -8.60 -24.97 -15.03
C VAL B 159 -9.27 -24.94 -16.40
N VAL B 160 -9.98 -26.02 -16.76
CA VAL B 160 -10.73 -26.05 -18.01
C VAL B 160 -11.78 -24.95 -18.02
N ILE B 161 -12.50 -24.85 -16.89
CA ILE B 161 -13.52 -23.83 -16.68
C ILE B 161 -12.93 -22.43 -16.65
N PHE B 162 -11.83 -22.24 -15.92
CA PHE B 162 -11.23 -20.92 -15.83
C PHE B 162 -10.64 -20.50 -17.18
N ARG B 163 -10.14 -21.47 -17.94
CA ARG B 163 -9.59 -21.20 -19.26
C ARG B 163 -10.67 -20.64 -20.18
N ALA B 164 -11.84 -21.28 -20.17
CA ALA B 164 -12.96 -20.81 -20.96
C ALA B 164 -13.41 -19.43 -20.49
N ALA B 165 -13.45 -19.23 -19.18
CA ALA B 165 -13.84 -17.94 -18.63
C ALA B 165 -12.88 -16.84 -19.07
N ALA B 167 -11.22 -16.55 -21.69
CA ALA B 167 -11.39 -16.23 -23.11
C ALA B 167 -12.40 -15.09 -23.34
N ASN B 168 -13.25 -14.85 -22.35
CA ASN B 168 -14.24 -13.79 -22.42
C ASN B 168 -13.63 -12.49 -21.89
N PRO B 169 -13.58 -11.44 -22.73
CA PRO B 169 -12.84 -10.22 -22.31
C PRO B 169 -13.46 -9.53 -21.11
N VAL B 170 -14.77 -9.63 -20.93
CA VAL B 170 -15.38 -9.06 -19.74
C VAL B 170 -14.98 -9.82 -18.49
N PHE B 171 -14.98 -11.16 -18.56
CA PHE B 171 -14.53 -11.92 -17.40
C PHE B 171 -13.09 -11.58 -17.06
N ALA B 172 -12.22 -11.56 -18.08
CA ALA B 172 -10.82 -11.23 -17.88
C ALA B 172 -10.67 -9.85 -17.24
N GLN B 173 -11.50 -8.90 -17.67
CA GLN B 173 -11.45 -7.58 -17.08
C GLN B 173 -11.87 -7.62 -15.60
N ILE B 174 -12.98 -8.27 -15.30
CA ILE B 174 -13.49 -8.27 -13.92
C ILE B 174 -12.52 -8.95 -12.97
N THR B 175 -12.05 -10.12 -13.34
CA THR B 175 -11.24 -10.91 -12.41
C THR B 175 -9.93 -10.18 -12.05
N ALA B 176 -9.52 -9.23 -12.89
CA ALA B 176 -8.28 -8.49 -12.67
C ALA B 176 -8.50 -7.06 -12.13
N GLU B 177 -9.74 -6.62 -12.05
CA GLU B 177 -10.06 -5.29 -11.53
C GLU B 177 -9.75 -5.22 -10.03
N PRO B 178 -9.13 -4.12 -9.57
CA PRO B 178 -8.85 -4.00 -8.15
C PRO B 178 -10.11 -3.63 -7.34
N SER B 179 -11.10 -3.07 -8.02
CA SER B 179 -12.31 -2.61 -7.34
C SER B 179 -13.44 -2.35 -8.34
N ALA B 180 -14.65 -2.14 -7.80
CA ALA B 180 -15.80 -1.77 -8.60
C ALA B 180 -16.76 -0.97 -7.73
N PHE B 182 -20.68 -0.55 -6.41
CA PHE B 182 -21.90 -1.35 -6.29
C PHE B 182 -22.99 -0.47 -5.65
N PRO B 183 -24.24 -0.56 -6.16
CA PRO B 183 -25.33 0.32 -5.68
C PRO B 183 -25.52 0.20 -4.17
N SER B 184 -25.84 1.31 -3.53
CA SER B 184 -26.10 1.36 -2.09
C SER B 184 -27.26 2.32 -1.85
N ASP B 185 -27.58 2.55 -0.58
CA ASP B 185 -28.66 3.47 -0.23
C ASP B 185 -28.38 4.90 -0.69
N ASN B 186 -27.17 5.38 -0.44
CA ASN B 186 -26.83 6.77 -0.71
C ASN B 186 -26.41 7.01 -2.15
N GLY B 187 -26.09 5.94 -2.85
CA GLY B 187 -25.62 6.02 -4.22
C GLY B 187 -24.88 4.74 -4.57
N GLU B 188 -23.55 4.77 -4.46
CA GLU B 188 -22.75 3.59 -4.73
C GLU B 188 -21.66 3.41 -3.69
N GLN B 189 -21.21 2.17 -3.54
CA GLN B 189 -20.18 1.83 -2.57
C GLN B 189 -19.03 1.13 -3.29
N LEU B 190 -17.80 1.48 -2.93
CA LEU B 190 -16.65 0.77 -3.49
C LEU B 190 -16.55 -0.64 -2.90
N ILE B 191 -16.45 -1.65 -3.76
CA ILE B 191 -16.09 -3.00 -3.32
C ILE B 191 -14.70 -3.38 -3.86
N VAL B 192 -13.90 -4.08 -3.07
CA VAL B 192 -12.53 -4.35 -3.47
C VAL B 192 -12.31 -5.81 -3.83
N ASN B 193 -11.41 -6.06 -4.78
CA ASN B 193 -11.13 -7.42 -5.18
C ASN B 193 -10.40 -8.15 -4.05
N GLN B 194 -10.98 -9.25 -3.55
CA GLN B 194 -10.42 -9.99 -2.42
C GLN B 194 -9.27 -10.94 -2.81
N ASP B 195 -9.04 -11.11 -4.11
CA ASP B 195 -8.00 -12.03 -4.61
C ASP B 195 -6.59 -11.49 -4.39
N GLU B 196 -5.91 -12.00 -3.37
CA GLU B 196 -4.59 -11.47 -3.03
C GLU B 196 -3.49 -11.85 -4.01
N LEU B 197 -3.76 -12.79 -4.92
CA LEU B 197 -2.78 -13.16 -5.93
C LEU B 197 -2.36 -11.94 -6.73
N LEU B 198 -3.33 -11.07 -7.02
CA LEU B 198 -3.09 -9.88 -7.84
C LEU B 198 -2.08 -8.97 -7.18
N GLN B 199 -2.12 -8.87 -5.86
CA GLN B 199 -1.21 -8.00 -5.12
C GLN B 199 0.14 -8.64 -4.84
N ARG B 200 0.17 -9.96 -4.77
CA ARG B 200 1.33 -10.68 -4.28
C ARG B 200 2.25 -11.21 -5.38
N TYR B 201 1.70 -11.45 -6.56
CA TYR B 201 2.44 -12.13 -7.63
C TYR B 201 2.41 -11.33 -8.93
N PRO B 202 3.52 -10.63 -9.23
CA PRO B 202 3.60 -9.84 -10.48
C PRO B 202 3.32 -10.71 -11.70
N GLY B 203 2.37 -10.29 -12.54
CA GLY B 203 1.98 -11.09 -13.69
C GLY B 203 0.68 -11.82 -13.51
N ALA B 204 0.18 -11.88 -12.27
CA ALA B 204 -1.13 -12.49 -12.00
C ALA B 204 -2.21 -11.81 -12.83
N ILE B 205 -3.05 -12.58 -13.51
CA ILE B 205 -4.10 -11.99 -14.32
C ILE B 205 -5.51 -12.37 -13.88
N GLY B 206 -5.63 -13.16 -12.82
CA GLY B 206 -6.96 -13.44 -12.28
C GLY B 206 -6.97 -14.61 -11.32
N GLY B 207 -8.05 -14.75 -10.56
CA GLY B 207 -8.13 -15.84 -9.62
C GLY B 207 -9.42 -15.83 -8.83
N LYS B 208 -9.77 -16.98 -8.28
CA LYS B 208 -10.95 -17.08 -7.43
C LYS B 208 -10.66 -18.06 -6.32
N THR B 209 -10.90 -17.63 -5.09
CA THR B 209 -10.66 -18.48 -3.93
C THR B 209 -11.96 -19.07 -3.44
N GLY B 210 -11.86 -20.07 -2.58
CA GLY B 210 -13.04 -20.65 -1.96
C GLY B 210 -12.64 -21.30 -0.66
N TYR B 211 -13.60 -21.43 0.25
CA TYR B 211 -13.45 -22.23 1.46
C TYR B 211 -14.80 -22.63 2.02
N THR B 212 -14.96 -23.92 2.32
CA THR B 212 -16.00 -24.40 3.22
C THR B 212 -15.36 -25.47 4.07
N ASN B 213 -16.08 -25.94 5.09
CA ASN B 213 -15.59 -27.03 5.91
C ASN B 213 -15.33 -28.29 5.08
N ALA B 214 -16.24 -28.58 4.15
CA ALA B 214 -16.17 -29.79 3.34
C ALA B 214 -15.13 -29.69 2.23
N ALA B 215 -14.92 -28.47 1.72
CA ALA B 215 -14.01 -28.26 0.60
C ALA B 215 -12.59 -27.95 1.04
N ARG B 216 -12.43 -27.55 2.30
CA ARG B 216 -11.20 -26.89 2.74
C ARG B 216 -10.87 -25.74 1.78
N LYS B 217 -9.61 -25.40 1.64
CA LYS B 217 -9.24 -24.28 0.77
C LYS B 217 -9.18 -24.69 -0.71
N THR B 218 -9.79 -23.89 -1.59
CA THR B 218 -9.68 -24.10 -3.03
C THR B 218 -9.25 -22.80 -3.72
N PHE B 219 -8.65 -22.94 -4.90
CA PHE B 219 -8.20 -21.78 -5.66
C PHE B 219 -8.05 -22.15 -7.11
N VAL B 220 -8.39 -21.20 -7.98
CA VAL B 220 -8.07 -21.34 -9.39
C VAL B 220 -7.65 -19.96 -9.87
N GLY B 221 -6.60 -19.90 -10.70
CA GLY B 221 -6.05 -18.61 -11.06
C GLY B 221 -5.11 -18.68 -12.24
N ALA B 222 -4.69 -17.53 -12.75
CA ALA B 222 -3.78 -17.48 -13.87
C ALA B 222 -2.76 -16.35 -13.76
N ALA B 223 -1.65 -16.51 -14.46
CA ALA B 223 -0.61 -15.50 -14.48
C ALA B 223 0.08 -15.50 -15.84
N ALA B 224 0.73 -14.40 -16.17
CA ALA B 224 1.44 -14.28 -17.43
C ALA B 224 2.84 -13.77 -17.15
N ARG B 225 3.84 -14.46 -17.66
CA ARG B 225 5.23 -14.04 -17.54
C ARG B 225 6.01 -14.53 -18.74
N GLY B 226 6.86 -13.66 -19.25
CA GLY B 226 7.82 -14.05 -20.30
C GLY B 226 7.15 -14.55 -21.56
N GLY B 227 5.96 -14.02 -21.84
CA GLY B 227 5.23 -14.37 -23.06
C GLY B 227 4.36 -15.60 -22.94
N ARG B 228 4.41 -16.25 -21.79
CA ARG B 228 3.62 -17.46 -21.55
C ARG B 228 2.54 -17.20 -20.52
N ARG B 229 1.37 -17.81 -20.73
CA ARG B 229 0.28 -17.71 -19.77
C ARG B 229 -0.09 -19.06 -19.17
N LEU B 230 -0.08 -19.13 -17.84
CA LEU B 230 -0.34 -20.36 -17.12
C LEU B 230 -1.60 -20.23 -16.29
N VAL B 231 -2.24 -21.37 -16.04
CA VAL B 231 -3.42 -21.43 -15.20
C VAL B 231 -3.20 -22.56 -14.19
N ILE B 232 -3.55 -22.32 -12.93
CA ILE B 232 -3.40 -23.36 -11.92
C ILE B 232 -4.69 -23.52 -11.14
N ALA B 233 -4.85 -24.66 -10.48
CA ALA B 233 -5.94 -24.87 -9.55
C ALA B 233 -5.40 -25.67 -8.39
N TYR B 236 -8.64 -28.78 -1.73
CA TYR B 236 -8.64 -29.58 -0.51
C TYR B 236 -7.40 -29.39 0.35
N GLY B 237 -6.98 -28.16 0.55
CA GLY B 237 -5.80 -27.91 1.36
C GLY B 237 -6.08 -27.14 2.64
N LEU B 238 -5.20 -27.31 3.62
CA LEU B 238 -5.21 -26.52 4.86
C LEU B 238 -3.80 -26.02 5.15
N VAL B 239 -3.67 -24.75 5.52
CA VAL B 239 -2.36 -24.20 5.83
C VAL B 239 -1.94 -24.61 7.24
N LYS B 240 -0.77 -25.22 7.35
CA LYS B 240 -0.24 -25.60 8.65
C LYS B 240 0.61 -24.49 9.23
N GLU B 241 0.44 -24.24 10.52
CA GLU B 241 1.28 -23.30 11.25
C GLU B 241 2.73 -23.69 11.01
N GLY B 242 3.49 -22.78 10.40
CA GLY B 242 4.88 -23.04 10.09
C GLY B 242 5.16 -23.34 8.63
N GLY B 243 4.14 -23.88 7.94
CA GLY B 243 4.28 -24.26 6.55
C GLY B 243 3.79 -23.19 5.59
N PRO B 244 3.97 -23.43 4.29
CA PRO B 244 3.58 -22.48 3.24
C PRO B 244 2.08 -22.20 3.19
N THR B 245 1.72 -20.96 2.90
CA THR B 245 0.32 -20.60 2.69
C THR B 245 -0.12 -20.95 1.27
N TYR B 246 -1.39 -20.75 0.97
CA TYR B 246 -1.89 -20.99 -0.38
C TYR B 246 -1.29 -20.01 -1.39
N TRP B 247 -1.03 -18.78 -0.94
CA TRP B 247 -0.42 -17.79 -1.83
C TRP B 247 1.02 -18.17 -2.14
N ASP B 248 1.70 -18.69 -1.13
CA ASP B 248 3.07 -19.22 -1.26
C ASP B 248 3.12 -20.35 -2.29
N GLN B 249 2.15 -21.27 -2.21
CA GLN B 249 2.17 -22.43 -3.08
C GLN B 249 1.82 -22.02 -4.51
N ALA B 250 0.88 -21.11 -4.66
CA ALA B 250 0.52 -20.64 -5.99
C ALA B 250 1.72 -19.96 -6.67
N ALA B 251 2.44 -19.14 -5.93
CA ALA B 251 3.64 -18.50 -6.45
C ALA B 251 4.67 -19.56 -6.82
N THR B 252 4.84 -20.55 -5.95
CA THR B 252 5.78 -21.63 -6.22
C THR B 252 5.44 -22.36 -7.51
N LEU B 253 4.16 -22.67 -7.71
CA LEU B 253 3.73 -23.41 -8.90
C LEU B 253 3.89 -22.58 -10.16
N PHE B 254 3.50 -21.31 -10.09
CA PHE B 254 3.70 -20.39 -11.22
C PHE B 254 5.19 -20.24 -11.53
N ASP B 255 6.01 -20.02 -10.49
CA ASP B 255 7.46 -19.85 -10.70
C ASP B 255 8.05 -21.09 -11.35
N TRP B 256 7.69 -22.25 -10.82
CA TRP B 256 8.14 -23.51 -11.39
C TRP B 256 7.70 -23.64 -12.84
N GLY B 257 6.44 -23.29 -13.11
CA GLY B 257 5.89 -23.42 -14.44
C GLY B 257 6.56 -22.52 -15.46
N PHE B 258 6.88 -21.30 -15.03
CA PHE B 258 7.52 -20.34 -15.92
C PHE B 258 8.99 -20.70 -16.14
N ALA B 259 9.57 -21.45 -15.21
CA ALA B 259 10.98 -21.85 -15.31
C ALA B 259 11.15 -23.10 -16.17
N LEU B 260 10.05 -23.80 -16.41
CA LEU B 260 10.10 -25.05 -17.14
C LEU B 260 10.34 -24.83 -18.63
N ASN B 261 11.19 -25.67 -19.20
CA ASN B 261 11.34 -25.76 -20.65
C ASN B 261 9.96 -25.79 -21.31
N PRO B 262 9.69 -24.85 -22.22
CA PRO B 262 8.35 -24.71 -22.81
C PRO B 262 7.92 -25.90 -23.66
N GLN B 263 8.84 -26.81 -23.97
CA GLN B 263 8.50 -28.04 -24.68
C GLN B 263 7.98 -29.15 -23.75
N ALA B 264 8.34 -29.09 -22.47
CA ALA B 264 8.03 -30.17 -21.54
C ALA B 264 6.58 -30.13 -21.05
N SER B 265 5.97 -31.30 -20.96
CA SER B 265 4.59 -31.43 -20.48
C SER B 265 4.32 -32.86 -20.04
N VAL B 266 3.22 -33.07 -19.32
CA VAL B 266 2.84 -34.43 -18.92
C VAL B 266 1.52 -34.87 -19.53
N GLY B 267 0.85 -33.96 -20.23
CA GLY B 267 -0.41 -34.27 -20.88
C GLY B 267 -1.07 -33.04 -21.47
N SER B 268 -2.35 -33.15 -21.80
CA SER B 268 -3.09 -32.02 -22.33
C SER B 268 -4.45 -31.96 -21.68
N LEU B 269 -5.04 -30.76 -21.60
CA LEU B 269 -6.38 -30.58 -21.02
C LEU B 269 -7.48 -31.27 -21.84
N ASP C 6 -19.10 -6.66 13.12
CA ASP C 6 -20.48 -6.82 12.67
C ASP C 6 -20.78 -5.94 11.45
N VAL C 7 -20.00 -4.87 11.30
CA VAL C 7 -19.96 -4.14 10.04
C VAL C 7 -18.51 -4.21 9.58
N GLN C 8 -18.28 -4.85 8.43
CA GLN C 8 -16.94 -4.90 7.85
C GLN C 8 -17.09 -4.91 6.33
N PRO C 9 -16.03 -4.52 5.60
CA PRO C 9 -16.18 -4.41 4.14
C PRO C 9 -16.55 -5.72 3.48
N ALA C 10 -17.33 -5.66 2.40
CA ALA C 10 -17.74 -6.86 1.67
C ALA C 10 -16.51 -7.68 1.28
N GLY C 11 -16.54 -8.97 1.57
CA GLY C 11 -15.52 -9.87 1.07
C GLY C 11 -14.30 -10.00 1.95
N SER C 12 -14.26 -9.19 3.01
CA SER C 12 -13.15 -9.23 3.95
C SER C 12 -13.21 -10.45 4.86
N VAL C 13 -12.07 -10.81 5.44
CA VAL C 13 -11.97 -11.95 6.34
C VAL C 13 -12.84 -11.72 7.57
N PRO C 14 -13.63 -12.75 7.96
CA PRO C 14 -14.48 -12.62 9.15
C PRO C 14 -13.65 -12.27 10.38
N ILE C 15 -14.07 -11.25 11.10
CA ILE C 15 -13.36 -10.86 12.32
C ILE C 15 -13.74 -11.79 13.48
N PRO C 16 -12.74 -12.44 14.08
CA PRO C 16 -12.98 -13.43 15.14
C PRO C 16 -13.72 -12.86 16.33
N ASP C 17 -14.46 -13.71 17.04
CA ASP C 17 -15.16 -13.30 18.26
C ASP C 17 -14.18 -12.86 19.33
N GLY C 18 -14.63 -11.99 20.22
CA GLY C 18 -13.80 -11.57 21.35
C GLY C 18 -14.68 -11.04 22.45
N PRO C 19 -14.07 -10.71 23.61
CA PRO C 19 -14.82 -10.33 24.80
C PRO C 19 -15.44 -8.93 24.74
N ALA C 20 -14.83 -8.00 24.01
CA ALA C 20 -15.37 -6.65 23.94
C ALA C 20 -16.73 -6.64 23.24
N GLN C 21 -17.73 -5.99 23.85
CA GLN C 21 -19.06 -5.93 23.26
C GLN C 21 -19.26 -4.85 22.19
N THR C 22 -18.48 -3.76 22.26
CA THR C 22 -18.46 -2.80 21.17
C THR C 22 -17.00 -2.54 20.84
N TRP C 23 -16.72 -2.18 19.59
CA TRP C 23 -15.35 -1.91 19.17
C TRP C 23 -15.34 -1.22 17.82
N ILE C 24 -14.18 -0.66 17.46
CA ILE C 24 -14.05 -0.01 16.17
C ILE C 24 -12.59 -0.11 15.77
N VAL C 25 -12.33 -0.16 14.48
CA VAL C 25 -10.96 -0.13 13.94
C VAL C 25 -10.97 0.97 12.88
N ALA C 26 -10.09 1.95 13.04
CA ALA C 26 -10.04 3.09 12.15
C ALA C 26 -8.61 3.46 11.79
N ASP C 27 -8.45 4.23 10.72
CA ASP C 27 -7.12 4.68 10.27
C ASP C 27 -6.81 5.96 11.02
N LEU C 28 -5.69 5.97 11.74
CA LEU C 28 -5.31 7.09 12.59
C LEU C 28 -5.14 8.37 11.79
N ASP C 29 -4.67 8.22 10.55
CA ASP C 29 -4.31 9.38 9.74
C ASP C 29 -5.44 9.85 8.83
N SER C 30 -6.12 8.92 8.15
CA SER C 30 -7.16 9.28 7.18
C SER C 30 -8.53 9.42 7.85
N GLY C 31 -8.70 8.80 9.00
CA GLY C 31 -10.01 8.79 9.65
C GLY C 31 -11.01 7.82 9.05
N GLN C 32 -10.56 6.99 8.10
CA GLN C 32 -11.44 5.95 7.56
C GLN C 32 -11.76 4.91 8.64
N VAL C 33 -13.00 4.44 8.67
CA VAL C 33 -13.39 3.36 9.59
C VAL C 33 -13.33 2.03 8.83
N LEU C 34 -12.61 1.06 9.37
CA LEU C 34 -12.38 -0.18 8.62
C LEU C 34 -13.44 -1.20 8.98
N ALA C 35 -13.86 -1.15 10.24
CA ALA C 35 -14.86 -2.08 10.76
C ALA C 35 -15.32 -1.62 12.13
N GLY C 36 -16.50 -2.09 12.53
CA GLY C 36 -17.00 -1.75 13.84
C GLY C 36 -18.15 -2.61 14.28
N ARG C 37 -18.31 -2.73 15.59
CA ARG C 37 -19.46 -3.41 16.15
C ARG C 37 -20.08 -2.49 17.17
N ASP C 38 -21.32 -2.07 16.92
CA ASP C 38 -22.01 -1.14 17.81
C ASP C 38 -21.13 0.03 18.22
N GLN C 39 -20.40 0.59 17.26
CA GLN C 39 -19.40 1.61 17.52
C GLN C 39 -19.98 2.91 18.10
N ASN C 40 -21.30 3.10 17.96
CA ASN C 40 -21.95 4.31 18.45
C ASN C 40 -22.82 4.07 19.69
N VAL C 41 -22.70 2.88 20.26
CA VAL C 41 -23.47 2.53 21.45
C VAL C 41 -22.72 2.98 22.70
N ALA C 42 -23.36 3.77 23.55
CA ALA C 42 -22.69 4.36 24.71
C ALA C 42 -22.55 3.41 25.91
N HIS C 43 -21.39 3.46 26.55
CA HIS C 43 -21.08 2.70 27.75
C HIS C 43 -20.13 3.54 28.59
N PRO C 44 -19.99 3.23 29.89
CA PRO C 44 -19.05 4.00 30.72
C PRO C 44 -17.63 3.78 30.25
N PRO C 45 -16.80 4.84 30.29
CA PRO C 45 -15.46 4.74 29.71
C PRO C 45 -14.39 4.23 30.66
N ALA C 46 -14.65 4.32 31.96
CA ALA C 46 -13.61 4.14 32.98
C ALA C 46 -12.36 4.93 32.60
N SER C 47 -11.18 4.35 32.86
CA SER C 47 -9.93 5.08 32.75
C SER C 47 -9.52 5.53 31.34
N THR C 48 -10.19 5.02 30.32
CA THR C 48 -9.97 5.56 28.97
C THR C 48 -10.25 7.07 28.93
N ILE C 49 -11.15 7.54 29.79
CA ILE C 49 -11.48 8.96 29.78
C ILE C 49 -10.29 9.82 30.23
N LYS C 50 -9.30 9.19 30.88
CA LYS C 50 -8.08 9.91 31.27
C LYS C 50 -7.36 10.49 30.07
N VAL C 51 -7.59 9.91 28.89
CA VAL C 51 -7.03 10.46 27.67
C VAL C 51 -7.61 11.84 27.38
N LEU C 52 -8.91 12.01 27.65
CA LEU C 52 -9.55 13.30 27.49
C LEU C 52 -9.01 14.33 28.50
N LEU C 53 -8.76 13.90 29.73
CA LEU C 53 -8.14 14.78 30.71
C LEU C 53 -6.75 15.20 30.24
N ALA C 54 -5.97 14.24 29.75
CA ALA C 54 -4.63 14.54 29.23
C ALA C 54 -4.66 15.63 28.16
N LEU C 55 -5.65 15.55 27.25
CA LEU C 55 -5.83 16.57 26.22
C LEU C 55 -6.07 17.95 26.80
N VAL C 56 -6.94 18.02 27.81
CA VAL C 56 -7.17 19.29 28.49
C VAL C 56 -5.89 19.81 29.13
N ALA C 57 -5.21 18.94 29.88
CA ALA C 57 -3.98 19.32 30.56
C ALA C 57 -2.91 19.82 29.59
N LEU C 58 -2.78 19.14 28.46
CA LEU C 58 -1.77 19.49 27.46
C LEU C 58 -2.09 20.82 26.77
N ASP C 59 -3.37 21.12 26.64
CA ASP C 59 -3.78 22.38 26.02
C ASP C 59 -3.57 23.59 26.92
N GLU C 60 -3.79 23.41 28.22
CA GLU C 60 -3.87 24.55 29.14
C GLU C 60 -2.68 24.70 30.07
N LEU C 61 -1.92 23.64 30.31
CA LEU C 61 -0.83 23.70 31.26
C LEU C 61 0.55 23.68 30.61
N ASP C 62 1.48 24.46 31.15
CA ASP C 62 2.86 24.33 30.74
C ASP C 62 3.35 23.04 31.39
N LEU C 63 4.07 22.20 30.63
CA LEU C 63 4.50 20.92 31.17
C LEU C 63 5.41 21.06 32.37
N ASN C 64 6.06 22.21 32.49
CA ASN C 64 6.92 22.49 33.63
C ASN C 64 6.20 23.24 34.76
N SER C 65 4.94 23.60 34.57
CA SER C 65 4.22 24.24 35.67
C SER C 65 4.06 23.23 36.81
N THR C 66 4.10 23.71 38.04
CA THR C 66 4.10 22.83 39.20
C THR C 66 2.93 23.10 40.14
N VAL C 67 2.65 22.11 41.00
CA VAL C 67 1.59 22.25 41.97
C VAL C 67 2.05 21.54 43.26
N VAL C 68 1.66 22.11 44.40
CA VAL C 68 1.88 21.46 45.68
C VAL C 68 0.61 20.70 46.00
N ALA C 69 0.71 19.38 46.12
CA ALA C 69 -0.49 18.57 46.28
C ALA C 69 -1.17 18.83 47.62
N ASP C 70 -2.50 18.87 47.60
CA ASP C 70 -3.32 19.05 48.79
C ASP C 70 -3.73 17.68 49.30
N VAL C 71 -4.19 17.63 50.55
CA VAL C 71 -4.70 16.38 51.12
C VAL C 71 -5.84 15.85 50.27
N ALA C 72 -6.72 16.75 49.82
CA ALA C 72 -7.83 16.38 48.96
C ALA C 72 -7.38 15.68 47.66
N ASP C 73 -6.24 16.08 47.14
CA ASP C 73 -5.71 15.47 45.92
C ASP C 73 -5.33 14.00 46.08
N THR C 74 -5.09 13.57 47.32
CA THR C 74 -4.54 12.23 47.58
C THR C 74 -5.59 11.24 48.08
N GLN C 75 -6.87 11.63 48.03
CA GLN C 75 -7.95 10.87 48.65
C GLN C 75 -8.62 9.83 47.75
N ALA C 76 -8.09 9.66 46.54
CA ALA C 76 -8.74 8.81 45.55
C ALA C 76 -8.57 7.32 45.83
N GLU C 77 -9.47 6.48 45.33
CA GLU C 77 -9.23 5.04 45.40
C GLU C 77 -8.26 4.64 44.31
N CYS C 78 -7.60 3.51 44.52
CA CYS C 78 -6.59 3.00 43.61
C CYS C 78 -7.20 2.70 42.24
N ASN C 79 -6.40 2.68 41.16
CA ASN C 79 -4.96 2.91 41.16
C ASN C 79 -4.51 4.30 41.61
N CYS C 80 -3.44 4.33 42.40
CA CYS C 80 -2.80 5.57 42.81
C CYS C 80 -1.33 5.51 42.43
N VAL C 81 -0.80 6.59 41.86
CA VAL C 81 0.63 6.64 41.57
C VAL C 81 1.42 6.95 42.84
N GLY C 82 0.75 7.55 43.81
CA GLY C 82 1.39 7.83 45.09
C GLY C 82 1.67 9.30 45.38
N VAL C 83 0.80 10.18 44.89
CA VAL C 83 0.90 11.62 45.22
C VAL C 83 0.79 11.83 46.73
N LYS C 84 1.66 12.66 47.31
CA LYS C 84 1.64 12.93 48.75
C LYS C 84 1.39 14.40 49.04
N PRO C 85 0.63 14.72 50.10
CA PRO C 85 0.38 16.11 50.46
C PRO C 85 1.68 16.88 50.69
N GLY C 86 1.78 18.09 50.14
CA GLY C 86 2.92 18.93 50.42
C GLY C 86 4.08 18.73 49.47
N ARG C 87 4.03 17.67 48.67
CA ARG C 87 5.06 17.43 47.69
C ARG C 87 4.72 18.17 46.40
N SER C 88 5.75 18.67 45.73
CA SER C 88 5.59 19.41 44.48
C SER C 88 5.73 18.50 43.27
N TYR C 89 4.87 18.70 42.26
CA TYR C 89 4.88 17.88 41.07
C TYR C 89 4.73 18.77 39.85
N THR C 90 5.42 18.44 38.77
CA THR C 90 5.21 19.15 37.51
C THR C 90 4.01 18.51 36.79
N ALA C 91 3.38 19.26 35.88
CA ALA C 91 2.33 18.70 35.04
C ALA C 91 2.84 17.47 34.29
N ARG C 92 4.09 17.50 33.83
CA ARG C 92 4.65 16.36 33.10
C ARG C 92 4.66 15.08 33.96
N GLN C 93 5.15 15.20 35.20
CA GLN C 93 5.20 14.07 36.11
C GLN C 93 3.80 13.52 36.37
N LEU C 94 2.84 14.43 36.54
CA LEU C 94 1.47 14.03 36.82
C LEU C 94 0.87 13.30 35.63
N LEU C 95 1.22 13.75 34.42
CA LEU C 95 0.73 13.09 33.21
C LEU C 95 1.33 11.70 33.04
N ASP C 96 2.58 11.54 33.46
CA ASP C 96 3.20 10.21 33.49
C ASP C 96 2.42 9.32 34.44
N GLY C 97 2.17 9.82 35.65
CA GLY C 97 1.38 9.06 36.62
C GLY C 97 -0.01 8.73 36.09
N LEU C 98 -0.62 9.71 35.43
CA LEU C 98 -1.97 9.54 34.87
C LEU C 98 -2.08 8.45 33.80
N LEU C 99 -1.14 8.47 32.86
CA LEU C 99 -1.24 7.63 31.68
C LEU C 99 -0.48 6.31 31.79
N LEU C 100 0.59 6.27 32.58
CA LEU C 100 1.35 5.04 32.70
C LEU C 100 0.73 4.08 33.70
N VAL C 101 0.21 4.61 34.81
CA VAL C 101 -0.28 3.73 35.85
C VAL C 101 -1.74 3.99 36.22
N SER C 102 -2.37 4.85 35.43
CA SER C 102 -3.80 5.17 35.61
C SER C 102 -4.07 5.73 36.99
N GLY C 103 -3.20 6.64 37.45
CA GLY C 103 -3.28 7.14 38.81
C GLY C 103 -4.44 8.10 38.99
N ASN C 104 -5.39 7.74 39.85
CA ASN C 104 -6.54 8.62 40.10
C ASN C 104 -6.12 9.83 40.90
N ASP C 105 -5.14 9.64 41.77
CA ASP C 105 -4.58 10.76 42.52
C ASP C 105 -3.90 11.71 41.55
N ALA C 106 -3.24 11.15 40.54
CA ALA C 106 -2.64 11.97 39.49
C ALA C 106 -3.74 12.78 38.78
N ALA C 107 -4.85 12.11 38.44
CA ALA C 107 -5.97 12.79 37.80
C ALA C 107 -6.53 13.93 38.64
N ASN C 108 -6.69 13.69 39.94
CA ASN C 108 -7.28 14.72 40.78
C ASN C 108 -6.32 15.88 41.06
N THR C 109 -5.01 15.60 41.04
CA THR C 109 -4.01 16.66 41.19
C THR C 109 -3.93 17.52 39.93
N LEU C 110 -4.04 16.89 38.76
CA LEU C 110 -4.16 17.63 37.52
C LEU C 110 -5.46 18.45 37.52
N ALA C 111 -6.55 17.87 38.02
CA ALA C 111 -7.81 18.63 38.16
C ALA C 111 -7.60 19.88 39.00
N HIS C 112 -6.79 19.73 40.06
CA HIS C 112 -6.42 20.85 40.94
C HIS C 112 -5.77 21.95 40.12
N LEU C 114 -6.09 22.53 37.03
CA LEU C 114 -7.00 23.03 36.02
C LEU C 114 -8.21 23.78 36.58
N GLY C 115 -8.23 23.97 37.90
CA GLY C 115 -9.26 24.77 38.54
C GLY C 115 -10.28 23.99 39.36
N GLY C 116 -10.01 22.72 39.62
CA GLY C 116 -10.86 21.94 40.52
C GLY C 116 -11.61 20.85 39.80
N GLN C 117 -12.34 20.02 40.55
CA GLN C 117 -13.04 18.88 39.97
C GLN C 117 -14.09 19.30 38.93
N ASP C 118 -15.02 20.14 39.34
CA ASP C 118 -16.16 20.49 38.47
C ASP C 118 -15.71 21.26 37.23
N VAL C 119 -14.76 22.17 37.42
CA VAL C 119 -14.22 22.95 36.31
C VAL C 119 -13.52 22.04 35.31
N THR C 120 -12.71 21.11 35.81
CA THR C 120 -11.96 20.19 34.93
C THR C 120 -12.89 19.30 34.10
N VAL C 121 -13.93 18.78 34.73
CA VAL C 121 -14.91 17.95 34.03
C VAL C 121 -15.64 18.75 32.93
N ALA C 122 -16.01 19.99 33.25
CA ALA C 122 -16.60 20.88 32.26
C ALA C 122 -15.64 21.10 31.10
N LYS C 123 -14.36 21.28 31.41
CA LYS C 123 -13.36 21.45 30.36
C LYS C 123 -13.20 20.20 29.50
N ASN C 125 -15.59 17.93 28.90
CA ASN C 125 -16.76 17.83 28.05
C ASN C 125 -16.74 18.83 26.91
N ALA C 126 -16.25 20.03 27.19
CA ALA C 126 -16.11 21.06 26.17
C ALA C 126 -15.12 20.58 25.11
N LYS C 127 -14.01 20.01 25.57
CA LYS C 127 -13.00 19.46 24.67
C LYS C 127 -13.59 18.36 23.78
N ALA C 128 -14.36 17.46 24.36
CA ALA C 128 -14.96 16.38 23.57
C ALA C 128 -15.88 16.93 22.49
N ALA C 129 -16.66 17.96 22.83
CA ALA C 129 -17.54 18.60 21.86
C ALA C 129 -16.74 19.21 20.71
N THR C 130 -15.68 19.93 21.06
CA THR C 130 -14.74 20.49 20.10
C THR C 130 -14.26 19.45 19.08
N LEU C 131 -14.08 18.21 19.52
CA LEU C 131 -13.57 17.15 18.65
C LEU C 131 -14.65 16.45 17.86
N GLY C 132 -15.91 16.72 18.18
CA GLY C 132 -17.02 16.07 17.51
C GLY C 132 -17.37 14.78 18.21
N ALA C 133 -16.80 14.56 19.39
CA ALA C 133 -17.13 13.36 20.16
C ALA C 133 -18.40 13.68 20.95
N THR C 134 -19.54 13.72 20.27
CA THR C 134 -20.78 14.20 20.87
C THR C 134 -21.56 13.13 21.62
N SER C 135 -21.00 11.93 21.72
CA SER C 135 -21.62 10.90 22.54
C SER C 135 -20.88 10.69 23.87
N THR C 136 -19.94 11.58 24.14
CA THR C 136 -19.08 11.43 25.31
C THR C 136 -19.46 12.41 26.40
N HIS C 137 -19.67 11.87 27.60
CA HIS C 137 -19.93 12.72 28.75
C HIS C 137 -19.11 12.27 29.96
N ALA C 138 -18.17 13.10 30.38
CA ALA C 138 -17.39 12.82 31.59
C ALA C 138 -18.14 13.24 32.85
N THR C 139 -17.96 12.50 33.93
CA THR C 139 -18.50 12.86 35.25
C THR C 139 -17.40 13.07 36.30
N THR C 140 -16.20 12.54 36.03
CA THR C 140 -15.04 12.72 36.90
C THR C 140 -13.78 12.84 36.06
N PRO C 141 -12.72 13.44 36.60
CA PRO C 141 -11.47 13.50 35.82
C PRO C 141 -10.87 12.10 35.58
N SER C 142 -11.06 11.18 36.51
CA SER C 142 -10.39 9.89 36.47
C SER C 142 -11.13 8.78 35.73
N GLY C 143 -12.45 8.89 35.63
CA GLY C 143 -13.25 7.82 35.07
C GLY C 143 -13.86 6.96 36.15
N LEU C 144 -13.59 7.33 37.39
CA LEU C 144 -14.29 6.72 38.51
C LEU C 144 -15.74 7.17 38.40
N ASP C 145 -16.65 6.39 38.97
CA ASP C 145 -18.04 6.81 39.10
C ASP C 145 -18.06 8.06 39.94
N GLY C 146 -18.97 8.99 39.61
CA GLY C 146 -19.10 10.22 40.36
C GLY C 146 -20.56 10.52 40.66
N PRO C 147 -20.83 11.73 41.18
CA PRO C 147 -22.19 12.13 41.55
C PRO C 147 -23.11 12.17 40.33
N GLY C 148 -22.56 12.46 39.17
CA GLY C 148 -23.33 12.47 37.93
C GLY C 148 -23.41 11.10 37.28
N GLY C 149 -22.87 10.09 37.95
CA GLY C 149 -22.95 8.73 37.45
C GLY C 149 -21.64 8.26 36.84
N SER C 150 -21.72 7.27 35.96
CA SER C 150 -20.55 6.61 35.43
C SER C 150 -19.93 7.33 34.23
N GLY C 151 -20.68 8.24 33.63
CA GLY C 151 -20.22 8.87 32.40
C GLY C 151 -20.43 7.93 31.22
N ALA C 152 -20.05 8.39 30.03
CA ALA C 152 -20.36 7.66 28.81
C ALA C 152 -19.39 8.04 27.69
N SER C 153 -19.14 7.09 26.80
CA SER C 153 -18.49 7.37 25.53
C SER C 153 -18.85 6.20 24.62
N THR C 154 -18.29 6.21 23.42
CA THR C 154 -18.57 5.16 22.45
C THR C 154 -17.22 4.76 21.86
N ALA C 155 -17.17 3.60 21.22
CA ALA C 155 -15.93 3.18 20.55
C ALA C 155 -15.50 4.23 19.53
N HIS C 156 -16.45 4.73 18.74
CA HIS C 156 -16.20 5.82 17.80
C HIS C 156 -15.57 7.04 18.49
N ASP C 157 -16.17 7.49 19.59
CA ASP C 157 -15.70 8.70 20.27
C ASP C 157 -14.34 8.50 20.92
N LEU C 158 -14.09 7.31 21.45
CA LEU C 158 -12.79 7.06 22.06
C LEU C 158 -11.64 7.19 21.05
N VAL C 159 -11.82 6.67 19.84
CA VAL C 159 -10.74 6.76 18.86
C VAL C 159 -10.62 8.17 18.32
N VAL C 160 -11.73 8.90 18.26
CA VAL C 160 -11.67 10.30 17.86
C VAL C 160 -10.83 11.07 18.87
N ILE C 161 -11.09 10.83 20.15
CA ILE C 161 -10.32 11.47 21.22
C ILE C 161 -8.86 11.02 21.20
N PHE C 162 -8.63 9.73 21.06
CA PHE C 162 -7.25 9.22 21.02
C PHE C 162 -6.48 9.73 19.81
N ARG C 163 -7.16 9.85 18.67
CA ARG C 163 -6.55 10.41 17.48
C ARG C 163 -6.08 11.84 17.72
N ALA C 164 -6.90 12.61 18.44
CA ALA C 164 -6.50 13.97 18.78
C ALA C 164 -5.30 13.98 19.72
N ALA C 165 -5.30 13.08 20.70
CA ALA C 165 -4.19 13.01 21.64
C ALA C 165 -2.87 12.62 20.94
N ALA C 167 -1.80 13.30 18.09
CA ALA C 167 -1.21 14.41 17.34
C ALA C 167 -0.26 15.24 18.20
N ASN C 168 -0.46 15.21 19.52
CA ASN C 168 0.42 15.94 20.43
C ASN C 168 1.70 15.14 20.67
N PRO C 169 2.86 15.75 20.38
CA PRO C 169 4.10 14.97 20.46
C PRO C 169 4.44 14.50 21.87
N VAL C 170 4.00 15.23 22.90
CA VAL C 170 4.31 14.82 24.26
C VAL C 170 3.40 13.67 24.69
N PHE C 171 2.12 13.74 24.31
CA PHE C 171 1.25 12.60 24.55
C PHE C 171 1.79 11.35 23.86
N ALA C 172 2.20 11.49 22.60
CA ALA C 172 2.67 10.32 21.84
C ALA C 172 3.92 9.75 22.49
N GLN C 173 4.75 10.62 23.06
CA GLN C 173 5.92 10.15 23.80
C GLN C 173 5.52 9.38 25.04
N ILE C 174 4.67 9.99 25.87
CA ILE C 174 4.29 9.38 27.15
C ILE C 174 3.62 8.02 26.97
N THR C 175 2.69 7.92 26.04
CA THR C 175 1.89 6.70 25.94
C THR C 175 2.73 5.55 25.41
N ALA C 176 3.87 5.86 24.81
CA ALA C 176 4.76 4.81 24.29
C ALA C 176 5.93 4.53 25.23
N GLU C 177 6.08 5.34 26.27
CA GLU C 177 7.16 5.20 27.25
C GLU C 177 7.02 3.90 28.02
N PRO C 178 8.10 3.13 28.13
CA PRO C 178 8.05 1.91 28.95
C PRO C 178 8.06 2.25 30.44
N SER C 179 8.69 3.37 30.79
CA SER C 179 8.80 3.76 32.20
C SER C 179 8.98 5.27 32.36
N ALA C 180 8.91 5.72 33.61
CA ALA C 180 9.16 7.11 33.94
C ALA C 180 9.59 7.21 35.40
N PHE C 182 9.17 9.05 38.99
CA PHE C 182 8.14 9.81 39.69
C PHE C 182 8.61 10.12 41.11
N PRO C 183 8.40 11.37 41.56
CA PRO C 183 8.91 11.76 42.87
C PRO C 183 8.22 11.02 44.01
N SER C 184 8.88 10.89 45.15
CA SER C 184 8.28 10.30 46.35
C SER C 184 8.93 10.86 47.59
N ASP C 185 8.37 10.57 48.76
CA ASP C 185 8.94 11.02 50.03
C ASP C 185 10.26 10.33 50.33
N ASN C 186 10.61 9.33 49.53
CA ASN C 186 11.87 8.60 49.73
C ASN C 186 12.62 8.40 48.41
N GLY C 187 12.82 9.49 47.68
CA GLY C 187 13.55 9.43 46.43
C GLY C 187 12.71 9.18 45.20
N GLU C 188 13.32 9.41 44.03
CA GLU C 188 12.66 9.17 42.76
C GLU C 188 12.36 7.68 42.62
N GLN C 189 11.16 7.35 42.16
CA GLN C 189 10.75 5.97 42.00
C GLN C 189 10.41 5.70 40.55
N LEU C 190 10.85 4.56 40.05
CA LEU C 190 10.55 4.18 38.69
C LEU C 190 9.14 3.59 38.61
N ILE C 191 8.30 4.16 37.75
CA ILE C 191 6.98 3.61 37.48
C ILE C 191 6.96 3.02 36.07
N VAL C 192 6.18 1.96 35.88
CA VAL C 192 6.20 1.25 34.61
C VAL C 192 4.88 1.34 33.88
N ASN C 193 4.94 1.35 32.55
CA ASN C 193 3.73 1.43 31.75
C ASN C 193 2.89 0.17 31.88
N GLN C 194 1.64 0.34 32.29
CA GLN C 194 0.63 -0.73 32.41
C GLN C 194 0.22 -1.35 31.07
N ASP C 195 0.49 -0.63 29.99
CA ASP C 195 -0.02 -1.00 28.67
C ASP C 195 0.79 -2.16 28.08
N GLU C 196 0.31 -3.38 28.29
CA GLU C 196 1.06 -4.57 27.89
C GLU C 196 1.12 -4.72 26.37
N LEU C 197 0.22 -4.03 25.66
CA LEU C 197 0.22 -4.09 24.21
C LEU C 197 1.57 -3.64 23.65
N LEU C 198 2.19 -2.66 24.33
CA LEU C 198 3.51 -2.19 23.90
C LEU C 198 4.55 -3.31 23.87
N GLN C 199 4.50 -4.19 24.87
CA GLN C 199 5.44 -5.31 24.93
C GLN C 199 5.02 -6.52 24.09
N ARG C 200 3.72 -6.64 23.85
CA ARG C 200 3.19 -7.85 23.21
C ARG C 200 3.03 -7.71 21.69
N TYR C 201 2.83 -6.49 21.21
CA TYR C 201 2.48 -6.29 19.81
C TYR C 201 3.45 -5.35 19.11
N PRO C 202 4.37 -5.92 18.31
CA PRO C 202 5.33 -5.09 17.57
C PRO C 202 4.59 -4.07 16.71
N GLY C 203 4.94 -2.80 16.84
CA GLY C 203 4.28 -1.75 16.11
C GLY C 203 3.29 -0.95 16.94
N ALA C 204 2.95 -1.46 18.12
CA ALA C 204 2.06 -0.73 19.01
C ALA C 204 2.68 0.62 19.35
N ILE C 205 1.87 1.69 19.34
CA ILE C 205 2.41 3.02 19.61
C ILE C 205 1.72 3.73 20.75
N GLY C 206 0.71 3.10 21.35
CA GLY C 206 0.06 3.71 22.49
C GLY C 206 -1.24 3.04 22.88
N GLY C 207 -1.70 3.30 24.09
CA GLY C 207 -2.95 2.73 24.53
C GLY C 207 -3.28 3.14 25.93
N LYS C 208 -4.55 2.96 26.30
CA LYS C 208 -5.00 3.25 27.66
C LYS C 208 -6.08 2.26 27.99
N THR C 209 -5.91 1.56 29.11
CA THR C 209 -6.87 0.56 29.57
C THR C 209 -7.79 1.17 30.61
N GLY C 210 -8.88 0.48 30.91
CA GLY C 210 -9.80 0.91 31.95
C GLY C 210 -10.67 -0.22 32.42
N TYR C 211 -11.10 -0.15 33.67
CA TYR C 211 -12.08 -1.09 34.21
C TYR C 211 -12.81 -0.46 35.39
N THR C 212 -14.12 -0.59 35.40
CA THR C 212 -14.91 -0.42 36.63
C THR C 212 -15.99 -1.47 36.54
N ASN C 213 -16.75 -1.65 37.62
CA ASN C 213 -17.82 -2.63 37.58
C ASN C 213 -18.89 -2.26 36.56
N ALA C 214 -19.20 -0.96 36.45
CA ALA C 214 -20.19 -0.49 35.49
C ALA C 214 -19.67 -0.47 34.04
N ALA C 215 -18.39 -0.18 33.86
CA ALA C 215 -17.81 -0.13 32.51
C ALA C 215 -17.36 -1.49 31.99
N ARG C 216 -17.10 -2.44 32.90
CA ARG C 216 -16.36 -3.64 32.55
C ARG C 216 -15.02 -3.21 31.94
N LYS C 217 -14.41 -4.01 31.08
CA LYS C 217 -13.10 -3.64 30.53
C LYS C 217 -13.22 -2.69 29.34
N THR C 218 -12.40 -1.64 29.33
CA THR C 218 -12.33 -0.75 28.18
C THR C 218 -10.88 -0.58 27.71
N PHE C 219 -10.72 -0.22 26.44
CA PHE C 219 -9.40 -0.01 25.88
C PHE C 219 -9.46 0.90 24.68
N VAL C 220 -8.44 1.74 24.54
CA VAL C 220 -8.28 2.48 23.30
C VAL C 220 -6.78 2.51 23.03
N GLY C 221 -6.38 2.34 21.77
CA GLY C 221 -4.96 2.31 21.48
C GLY C 221 -4.66 2.37 20.00
N ALA C 222 -3.38 2.41 19.66
CA ALA C 222 -2.97 2.56 18.27
C ALA C 222 -1.74 1.73 17.95
N ALA C 223 -1.57 1.41 16.68
CA ALA C 223 -0.40 0.68 16.23
C ALA C 223 -0.03 1.12 14.82
N ALA C 224 1.19 0.86 14.40
CA ALA C 224 1.63 1.20 13.05
C ALA C 224 2.36 0.01 12.42
N ARG C 225 1.99 -0.32 11.19
CA ARG C 225 2.67 -1.38 10.44
C ARG C 225 2.53 -1.11 8.95
N GLY C 226 3.58 -1.39 8.18
CA GLY C 226 3.51 -1.33 6.74
C GLY C 226 3.16 0.05 6.21
N GLY C 227 3.52 1.08 6.97
CA GLY C 227 3.24 2.45 6.55
C GLY C 227 1.85 2.97 6.86
N ARG C 228 1.01 2.11 7.43
CA ARG C 228 -0.32 2.52 7.87
C ARG C 228 -0.41 2.55 9.38
N ARG C 229 -1.20 3.48 9.93
CA ARG C 229 -1.38 3.56 11.38
C ARG C 229 -2.84 3.43 11.72
N LEU C 230 -3.15 2.53 12.65
CA LEU C 230 -4.51 2.21 13.01
C LEU C 230 -4.80 2.57 14.45
N VAL C 231 -6.05 2.88 14.74
CA VAL C 231 -6.46 3.17 16.11
C VAL C 231 -7.71 2.35 16.37
N ILE C 232 -7.77 1.74 17.55
CA ILE C 232 -8.93 0.93 17.89
C ILE C 232 -9.46 1.31 19.25
N ALA C 233 -10.71 0.94 19.52
CA ALA C 233 -11.26 1.06 20.87
C ALA C 233 -12.18 -0.12 21.09
N TYR C 236 -16.90 -2.37 27.21
CA TYR C 236 -17.90 -3.20 27.88
C TYR C 236 -17.60 -4.68 27.73
N GLY C 237 -16.35 -5.06 27.99
CA GLY C 237 -15.93 -6.43 27.77
C GLY C 237 -15.57 -7.17 29.05
N LEU C 238 -15.81 -8.47 29.06
CA LEU C 238 -15.39 -9.34 30.16
C LEU C 238 -14.69 -10.57 29.61
N VAL C 239 -13.48 -10.83 30.11
CA VAL C 239 -12.68 -11.94 29.61
C VAL C 239 -13.20 -13.24 30.23
N LYS C 240 -13.46 -14.23 29.37
CA LYS C 240 -13.97 -15.53 29.83
C LYS C 240 -12.87 -16.57 29.97
N GLU C 241 -13.11 -17.55 30.83
CA GLU C 241 -12.20 -18.69 30.98
C GLU C 241 -11.97 -19.37 29.64
N GLY C 242 -10.71 -19.39 29.19
CA GLY C 242 -10.38 -20.03 27.94
C GLY C 242 -10.69 -19.18 26.73
N GLY C 243 -11.15 -17.96 26.97
CA GLY C 243 -11.50 -17.06 25.89
C GLY C 243 -10.35 -16.12 25.60
N PRO C 244 -10.45 -15.37 24.49
CA PRO C 244 -9.40 -14.39 24.19
C PRO C 244 -9.34 -13.32 25.30
N THR C 245 -8.15 -12.84 25.64
CA THR C 245 -8.04 -11.74 26.57
C THR C 245 -8.21 -10.44 25.80
N TYR C 246 -8.23 -9.30 26.49
CA TYR C 246 -8.29 -8.03 25.80
C TYR C 246 -7.05 -7.81 24.95
N TRP C 247 -5.90 -8.31 25.43
CA TRP C 247 -4.68 -8.15 24.64
C TRP C 247 -4.79 -8.97 23.37
N ASP C 248 -5.34 -10.18 23.48
CA ASP C 248 -5.56 -11.04 22.33
C ASP C 248 -6.46 -10.38 21.31
N GLN C 249 -7.58 -9.82 21.77
CA GLN C 249 -8.51 -9.17 20.87
C GLN C 249 -7.92 -7.92 20.22
N ALA C 250 -7.19 -7.12 21.00
CA ALA C 250 -6.56 -5.94 20.41
C ALA C 250 -5.61 -6.37 19.29
N ALA C 251 -4.82 -7.40 19.54
CA ALA C 251 -3.87 -7.89 18.53
C ALA C 251 -4.60 -8.43 17.30
N THR C 252 -5.72 -9.10 17.52
CA THR C 252 -6.52 -9.65 16.41
C THR C 252 -7.13 -8.54 15.54
N LEU C 253 -7.62 -7.48 16.18
CA LEU C 253 -8.22 -6.38 15.42
C LEU C 253 -7.15 -5.64 14.62
N PHE C 254 -6.00 -5.38 15.24
CA PHE C 254 -4.90 -4.76 14.52
C PHE C 254 -4.44 -5.64 13.36
N ASP C 255 -4.19 -6.93 13.62
CA ASP C 255 -3.77 -7.83 12.55
C ASP C 255 -4.76 -7.80 11.40
N TRP C 256 -6.04 -7.82 11.74
CA TRP C 256 -7.08 -7.82 10.72
C TRP C 256 -7.03 -6.52 9.90
N GLY C 257 -6.92 -5.40 10.61
CA GLY C 257 -6.85 -4.09 9.99
C GLY C 257 -5.65 -3.93 9.07
N PHE C 258 -4.50 -4.47 9.48
CA PHE C 258 -3.31 -4.33 8.64
C PHE C 258 -3.34 -5.26 7.45
N ALA C 259 -4.08 -6.35 7.55
CA ALA C 259 -4.20 -7.29 6.44
C ALA C 259 -5.24 -6.81 5.44
N LEU C 260 -6.10 -5.89 5.85
CA LEU C 260 -7.21 -5.45 5.02
C LEU C 260 -6.73 -4.66 3.81
N ASN C 261 -7.33 -4.91 2.65
CA ASN C 261 -7.06 -4.10 1.46
C ASN C 261 -7.20 -2.62 1.82
N PRO C 262 -6.15 -1.83 1.55
CA PRO C 262 -6.16 -0.44 2.05
C PRO C 262 -7.25 0.45 1.43
N GLN C 263 -7.89 -0.01 0.36
CA GLN C 263 -9.01 0.73 -0.23
C GLN C 263 -10.37 0.41 0.41
N ALA C 264 -10.43 -0.61 1.26
CA ALA C 264 -11.72 -1.04 1.81
C ALA C 264 -12.04 -0.25 3.06
N SER C 265 -13.29 0.19 3.18
CA SER C 265 -13.72 0.84 4.42
C SER C 265 -15.23 0.72 4.57
N VAL C 266 -15.74 1.07 5.73
CA VAL C 266 -17.19 1.00 5.95
C VAL C 266 -17.77 2.35 6.34
N GLY C 267 -16.90 3.34 6.54
CA GLY C 267 -17.35 4.66 6.90
C GLY C 267 -16.19 5.59 7.22
N SER C 268 -16.50 6.67 7.94
CA SER C 268 -15.51 7.70 8.30
C SER C 268 -15.82 8.16 9.71
N LEU C 269 -14.78 8.54 10.46
CA LEU C 269 -14.97 9.08 11.80
C LEU C 269 -15.66 10.44 11.74
N ASP D 6 33.63 -8.53 13.70
CA ASP D 6 32.47 -8.20 14.51
C ASP D 6 32.72 -8.55 15.98
N VAL D 7 32.20 -7.72 16.88
CA VAL D 7 32.30 -7.96 18.31
C VAL D 7 30.88 -8.17 18.86
N GLN D 8 30.65 -9.32 19.48
CA GLN D 8 29.33 -9.67 20.02
C GLN D 8 29.50 -10.47 21.31
N PRO D 9 28.43 -10.58 22.13
CA PRO D 9 28.64 -11.23 23.43
C PRO D 9 28.96 -12.71 23.32
N ALA D 10 29.74 -13.22 24.27
CA ALA D 10 30.15 -14.62 24.26
C ALA D 10 28.92 -15.52 24.26
N GLY D 11 28.91 -16.50 23.36
CA GLY D 11 27.86 -17.50 23.36
C GLY D 11 26.65 -17.11 22.53
N SER D 12 26.64 -15.88 22.02
CA SER D 12 25.50 -15.39 21.22
C SER D 12 25.54 -15.95 19.80
N VAL D 13 24.35 -16.07 19.21
CA VAL D 13 24.20 -16.51 17.83
C VAL D 13 24.96 -15.57 16.88
N PRO D 14 25.74 -16.15 15.95
CA PRO D 14 26.51 -15.34 14.99
C PRO D 14 25.66 -14.41 14.11
N ILE D 15 26.19 -13.23 13.83
CA ILE D 15 25.45 -12.21 13.10
C ILE D 15 25.72 -12.28 11.60
N PRO D 16 24.65 -12.49 10.81
CA PRO D 16 24.75 -12.64 9.35
C PRO D 16 25.52 -11.49 8.73
N ASP D 17 26.20 -11.74 7.63
CA ASP D 17 26.98 -10.71 6.95
C ASP D 17 26.05 -9.80 6.17
N GLY D 18 26.52 -8.58 5.90
CA GLY D 18 25.73 -7.62 5.16
C GLY D 18 26.64 -6.61 4.49
N PRO D 19 26.07 -5.71 3.69
CA PRO D 19 26.80 -4.69 2.92
C PRO D 19 27.41 -3.59 3.78
N ALA D 20 26.85 -3.26 4.94
CA ALA D 20 27.43 -2.22 5.77
C ALA D 20 28.82 -2.64 6.26
N GLN D 21 29.83 -1.82 5.97
CA GLN D 21 31.19 -2.18 6.40
C GLN D 21 31.46 -1.84 7.85
N THR D 22 30.72 -0.88 8.40
CA THR D 22 30.74 -0.65 9.85
C THR D 22 29.32 -0.53 10.36
N TRP D 23 29.10 -0.97 11.59
CA TRP D 23 27.78 -0.89 12.21
C TRP D 23 27.86 -1.09 13.71
N ILE D 24 26.77 -0.77 14.39
CA ILE D 24 26.67 -0.99 15.83
C ILE D 24 25.21 -1.24 16.18
N VAL D 25 24.97 -2.05 17.20
CA VAL D 25 23.63 -2.25 17.73
C VAL D 25 23.69 -1.89 19.20
N ALA D 26 22.80 -1.01 19.65
CA ALA D 26 22.81 -0.60 21.05
C ALA D 26 21.39 -0.49 21.60
N ASP D 27 21.30 -0.48 22.92
CA ASP D 27 20.02 -0.28 23.60
C ASP D 27 19.77 1.22 23.73
N LEU D 28 18.62 1.65 23.22
CA LEU D 28 18.30 3.06 23.14
C LEU D 28 18.11 3.67 24.53
N ASP D 29 17.68 2.86 25.49
CA ASP D 29 17.40 3.38 26.83
C ASP D 29 18.55 3.23 27.83
N SER D 30 19.24 2.11 27.81
CA SER D 30 20.34 1.87 28.76
C SER D 30 21.68 2.32 28.21
N GLY D 31 21.81 2.40 26.89
CA GLY D 31 23.09 2.73 26.28
C GLY D 31 24.07 1.55 26.27
N GLN D 32 23.59 0.38 26.67
CA GLN D 32 24.41 -0.83 26.55
C GLN D 32 24.64 -1.13 25.08
N VAL D 33 25.89 -1.45 24.71
CA VAL D 33 26.20 -1.81 23.32
C VAL D 33 26.08 -3.31 23.19
N LEU D 34 25.30 -3.77 22.21
CA LEU D 34 25.01 -5.20 22.08
C LEU D 34 26.04 -5.86 21.16
N ALA D 35 26.37 -5.18 20.08
CA ALA D 35 27.34 -5.73 19.13
C ALA D 35 27.80 -4.61 18.22
N GLY D 36 28.92 -4.81 17.55
CA GLY D 36 29.41 -3.82 16.63
C GLY D 36 30.48 -4.38 15.73
N ARG D 37 30.67 -3.72 14.59
CA ARG D 37 31.77 -4.02 13.70
C ARG D 37 32.44 -2.70 13.34
N ASP D 38 33.71 -2.56 13.70
CA ASP D 38 34.47 -1.32 13.45
C ASP D 38 33.67 -0.06 13.83
N GLN D 39 32.98 -0.11 14.96
CA GLN D 39 32.00 0.93 15.29
C GLN D 39 32.65 2.28 15.59
N ASN D 40 33.98 2.31 15.68
CA ASN D 40 34.72 3.54 15.92
C ASN D 40 35.56 3.99 14.73
N VAL D 41 35.37 3.35 13.57
CA VAL D 41 36.12 3.74 12.38
C VAL D 41 35.41 4.87 11.66
N ALA D 42 36.13 5.95 11.37
CA ALA D 42 35.52 7.16 10.83
C ALA D 42 35.23 7.06 9.33
N HIS D 43 34.04 7.52 8.93
CA HIS D 43 33.63 7.55 7.53
C HIS D 43 32.71 8.75 7.33
N PRO D 44 32.54 9.20 6.07
CA PRO D 44 31.61 10.33 5.88
C PRO D 44 30.19 9.91 6.20
N PRO D 45 29.43 10.78 6.89
CA PRO D 45 28.10 10.41 7.36
C PRO D 45 27.00 10.67 6.33
N ALA D 46 27.29 11.50 5.32
CA ALA D 46 26.25 11.96 4.40
C ALA D 46 25.05 12.49 5.18
N SER D 47 23.84 12.24 4.68
CA SER D 47 22.63 12.83 5.27
C SER D 47 22.29 12.39 6.69
N THR D 48 22.98 11.39 7.23
CA THR D 48 22.75 11.05 8.64
C THR D 48 23.12 12.24 9.54
N ILE D 49 24.03 13.09 9.07
CA ILE D 49 24.47 14.24 9.88
C ILE D 49 23.32 15.26 10.06
N LYS D 50 22.28 15.14 9.24
CA LYS D 50 21.10 16.01 9.39
C LYS D 50 20.43 15.81 10.75
N VAL D 51 20.65 14.65 11.36
CA VAL D 51 20.10 14.39 12.69
C VAL D 51 20.78 15.29 13.70
N LEU D 52 22.08 15.50 13.53
CA LEU D 52 22.84 16.38 14.41
C LEU D 52 22.39 17.82 14.20
N LEU D 53 22.14 18.23 12.96
CA LEU D 53 21.57 19.54 12.69
C LEU D 53 20.22 19.71 13.39
N ALA D 54 19.40 18.66 13.32
CA ALA D 54 18.06 18.74 13.91
C ALA D 54 18.16 18.94 15.40
N LEU D 55 19.14 18.30 16.03
CA LEU D 55 19.38 18.44 17.45
C LEU D 55 19.69 19.88 17.83
N VAL D 56 20.57 20.52 17.07
CA VAL D 56 20.92 21.91 17.33
C VAL D 56 19.69 22.81 17.15
N ALA D 57 18.89 22.55 16.12
CA ALA D 57 17.72 23.37 15.80
C ALA D 57 16.68 23.27 16.92
N LEU D 58 16.44 22.05 17.38
CA LEU D 58 15.43 21.79 18.39
C LEU D 58 15.84 22.38 19.72
N ASP D 59 17.15 22.42 19.96
CA ASP D 59 17.65 22.99 21.21
C ASP D 59 17.58 24.51 21.23
N GLU D 60 17.82 25.14 20.09
CA GLU D 60 17.94 26.61 20.06
C GLU D 60 16.68 27.32 19.61
N LEU D 61 15.99 26.77 18.62
CA LEU D 61 14.92 27.50 17.95
C LEU D 61 13.56 27.24 18.55
N ASP D 62 12.70 28.25 18.51
CA ASP D 62 11.29 28.08 18.78
C ASP D 62 10.71 27.48 17.51
N LEU D 63 10.05 26.34 17.63
CA LEU D 63 9.51 25.61 16.48
C LEU D 63 8.52 26.43 15.67
N ASN D 64 7.85 27.36 16.34
CA ASN D 64 6.87 28.21 15.68
C ASN D 64 7.46 29.48 15.10
N SER D 65 8.74 29.74 15.38
CA SER D 65 9.34 30.98 14.87
C SER D 65 9.68 30.82 13.38
N THR D 66 9.82 31.96 12.71
CA THR D 66 9.85 31.95 11.25
C THR D 66 11.11 32.57 10.69
N VAL D 67 11.37 32.30 9.42
CA VAL D 67 12.47 32.93 8.71
C VAL D 67 12.03 33.21 7.28
N VAL D 68 12.52 34.31 6.70
CA VAL D 68 12.31 34.59 5.29
C VAL D 68 13.48 33.97 4.53
N ALA D 69 13.19 33.02 3.65
CA ALA D 69 14.25 32.32 2.93
C ALA D 69 15.01 33.26 2.01
N ASP D 70 16.34 33.10 1.99
CA ASP D 70 17.22 33.85 1.08
C ASP D 70 17.49 33.05 -0.20
N VAL D 71 17.89 33.73 -1.27
CA VAL D 71 18.32 33.05 -2.49
C VAL D 71 19.48 32.11 -2.18
N ALA D 72 20.38 32.55 -1.30
CA ALA D 72 21.52 31.76 -0.86
C ALA D 72 21.11 30.41 -0.25
N ASP D 73 19.97 30.40 0.43
CA ASP D 73 19.47 29.21 1.12
C ASP D 73 19.03 28.11 0.15
N THR D 74 18.86 28.45 -1.13
CA THR D 74 18.28 27.53 -2.09
C THR D 74 19.25 27.13 -3.19
N GLN D 75 20.54 27.29 -2.92
CA GLN D 75 21.56 27.11 -3.95
C GLN D 75 22.15 25.70 -3.98
N ALA D 76 21.75 24.85 -3.02
CA ALA D 76 22.34 23.52 -2.91
C ALA D 76 21.68 22.50 -3.82
N GLU D 77 22.42 21.45 -4.18
CA GLU D 77 21.88 20.36 -5.00
C GLU D 77 20.75 19.63 -4.28
N CYS D 78 19.94 18.90 -5.04
CA CYS D 78 18.87 18.06 -4.50
C CYS D 78 19.45 16.95 -3.62
N ASN D 79 18.69 16.39 -2.67
CA ASN D 79 17.25 16.62 -2.45
C ASN D 79 16.87 18.01 -2.00
N CYS D 80 15.74 18.50 -2.54
CA CYS D 80 15.15 19.77 -2.12
C CYS D 80 13.70 19.56 -1.73
N VAL D 81 13.26 20.24 -0.67
CA VAL D 81 11.86 20.17 -0.27
C VAL D 81 11.05 21.23 -1.01
N GLY D 82 11.73 22.26 -1.51
CA GLY D 82 11.06 23.28 -2.29
C GLY D 82 11.02 24.66 -1.65
N VAL D 83 12.04 24.96 -0.85
CA VAL D 83 12.16 26.29 -0.24
C VAL D 83 12.26 27.35 -1.34
N LYS D 84 11.50 28.43 -1.20
CA LYS D 84 11.48 29.51 -2.19
C LYS D 84 11.93 30.84 -1.59
N PRO D 85 12.88 31.53 -2.25
CA PRO D 85 13.38 32.81 -1.73
C PRO D 85 12.24 33.81 -1.56
N GLY D 86 12.20 34.47 -0.40
CA GLY D 86 11.19 35.50 -0.17
C GLY D 86 9.97 34.97 0.56
N ARG D 87 9.84 33.64 0.60
CA ARG D 87 8.74 33.02 1.33
C ARG D 87 9.14 32.72 2.78
N SER D 88 8.16 32.75 3.69
CA SER D 88 8.43 32.50 5.10
C SER D 88 8.10 31.08 5.50
N TYR D 89 8.93 30.52 6.37
CA TYR D 89 8.81 29.15 6.85
C TYR D 89 9.02 29.13 8.35
N THR D 90 8.34 28.22 9.05
CA THR D 90 8.61 27.99 10.46
C THR D 90 9.75 27.00 10.63
N ALA D 91 10.32 26.96 11.81
CA ALA D 91 11.37 26.00 12.11
C ALA D 91 10.84 24.58 12.01
N ARG D 92 9.60 24.36 12.45
CA ARG D 92 8.98 23.04 12.35
C ARG D 92 8.87 22.59 10.89
N GLN D 93 8.41 23.48 10.02
CA GLN D 93 8.26 23.15 8.61
C GLN D 93 9.60 22.76 7.98
N LEU D 94 10.66 23.51 8.30
CA LEU D 94 11.98 23.19 7.77
C LEU D 94 12.50 21.86 8.34
N LEU D 95 12.22 21.58 9.61
CA LEU D 95 12.61 20.30 10.21
C LEU D 95 11.88 19.11 9.61
N ASP D 96 10.59 19.29 9.28
CA ASP D 96 9.85 18.29 8.52
C ASP D 96 10.54 18.06 7.19
N GLY D 97 10.90 19.13 6.49
CA GLY D 97 11.54 19.00 5.19
C GLY D 97 12.91 18.36 5.32
N LEU D 98 13.63 18.71 6.37
CA LEU D 98 14.96 18.17 6.63
C LEU D 98 14.94 16.67 6.88
N LEU D 99 13.96 16.22 7.68
CA LEU D 99 13.96 14.84 8.16
C LEU D 99 13.09 13.88 7.37
N LEU D 100 12.05 14.37 6.71
CA LEU D 100 11.18 13.49 5.92
C LEU D 100 11.71 13.30 4.51
N VAL D 101 12.29 14.34 3.92
CA VAL D 101 12.74 14.25 2.54
C VAL D 101 14.23 14.59 2.33
N SER D 102 14.95 14.74 3.44
CA SER D 102 16.38 15.06 3.39
C SER D 102 16.65 16.32 2.58
N GLY D 103 15.82 17.34 2.78
CA GLY D 103 15.96 18.58 2.03
C GLY D 103 17.23 19.32 2.37
N ASN D 104 18.10 19.49 1.39
CA ASN D 104 19.34 20.23 1.59
C ASN D 104 19.03 21.72 1.69
N ASP D 105 17.99 22.15 0.97
CA ASP D 105 17.52 23.53 1.11
C ASP D 105 16.94 23.78 2.51
N ALA D 106 16.18 22.82 3.03
CA ALA D 106 15.74 22.90 4.43
C ALA D 106 16.94 23.01 5.38
N ALA D 107 17.99 22.22 5.13
CA ALA D 107 19.18 22.27 6.00
C ALA D 107 19.81 23.65 5.96
N ASN D 108 19.99 24.20 4.78
CA ASN D 108 20.62 25.50 4.67
C ASN D 108 19.76 26.64 5.22
N THR D 109 18.45 26.45 5.19
CA THR D 109 17.57 27.52 5.69
C THR D 109 17.52 27.48 7.22
N LEU D 110 17.58 26.27 7.77
CA LEU D 110 17.73 26.12 9.22
C LEU D 110 19.05 26.71 9.68
N ALA D 111 20.11 26.50 8.90
CA ALA D 111 21.42 27.06 9.21
C ALA D 111 21.35 28.59 9.22
N HIS D 112 20.57 29.15 8.30
CA HIS D 112 20.30 30.58 8.27
C HIS D 112 19.72 31.02 9.61
N LEU D 114 20.00 29.64 12.38
CA LEU D 114 20.94 29.36 13.46
C LEU D 114 22.15 30.26 13.42
N GLY D 115 22.20 31.19 12.47
CA GLY D 115 23.28 32.17 12.41
C GLY D 115 24.23 32.04 11.24
N GLY D 116 23.94 31.12 10.31
CA GLY D 116 24.77 30.99 9.13
C GLY D 116 25.45 29.63 9.03
N GLN D 117 26.03 29.35 7.86
CA GLN D 117 26.64 28.06 7.58
C GLN D 117 27.75 27.68 8.56
N ASP D 118 28.76 28.53 8.66
CA ASP D 118 29.90 28.25 9.53
C ASP D 118 29.49 28.19 11.01
N VAL D 119 28.64 29.11 11.43
CA VAL D 119 28.19 29.15 12.82
C VAL D 119 27.40 27.89 13.16
N THR D 120 26.55 27.46 12.24
CA THR D 120 25.75 26.26 12.44
C THR D 120 26.62 24.99 12.51
N VAL D 121 27.59 24.90 11.60
CA VAL D 121 28.51 23.76 11.60
C VAL D 121 29.32 23.70 12.91
N ALA D 122 29.77 24.85 13.38
CA ALA D 122 30.45 24.91 14.67
C ALA D 122 29.53 24.46 15.81
N LYS D 123 28.27 24.85 15.75
CA LYS D 123 27.29 24.44 16.75
C LYS D 123 27.07 22.94 16.74
N ASN D 125 29.30 20.62 15.69
CA ASN D 125 30.49 19.96 16.19
C ASN D 125 30.61 20.08 17.71
N ALA D 126 30.16 21.20 18.25
CA ALA D 126 30.20 21.41 19.69
C ALA D 126 29.19 20.50 20.39
N LYS D 127 28.02 20.36 19.78
CA LYS D 127 26.98 19.50 20.33
C LYS D 127 27.44 18.04 20.34
N ALA D 128 28.04 17.61 19.23
CA ALA D 128 28.54 16.24 19.11
C ALA D 128 29.50 15.95 20.24
N ALA D 129 30.42 16.89 20.48
CA ALA D 129 31.41 16.73 21.52
C ALA D 129 30.79 16.61 22.91
N THR D 130 29.87 17.51 23.24
CA THR D 130 29.16 17.48 24.52
C THR D 130 28.46 16.14 24.74
N LEU D 131 27.90 15.57 23.67
CA LEU D 131 27.21 14.29 23.74
C LEU D 131 28.17 13.11 23.91
N GLY D 132 29.46 13.35 23.71
CA GLY D 132 30.44 12.27 23.73
C GLY D 132 30.62 11.65 22.35
N ALA D 133 30.06 12.30 21.33
CA ALA D 133 30.29 11.86 19.96
C ALA D 133 31.57 12.53 19.45
N THR D 134 32.68 12.18 20.07
CA THR D 134 33.96 12.84 19.88
C THR D 134 34.72 12.55 18.59
N SER D 135 34.17 11.70 17.72
CA SER D 135 34.82 11.38 16.45
C SER D 135 33.96 11.89 15.32
N THR D 136 33.08 12.84 15.65
CA THR D 136 32.18 13.38 14.65
C THR D 136 32.65 14.76 14.29
N HIS D 137 32.77 15.01 12.98
CA HIS D 137 33.15 16.32 12.49
C HIS D 137 32.30 16.66 11.27
N ALA D 138 31.38 17.60 11.43
CA ALA D 138 30.55 18.08 10.34
C ALA D 138 31.31 19.14 9.55
N THR D 139 31.14 19.14 8.23
CA THR D 139 31.70 20.19 7.38
C THR D 139 30.62 21.05 6.75
N THR D 140 29.40 20.51 6.69
CA THR D 140 28.23 21.22 6.16
C THR D 140 27.00 20.83 6.97
N PRO D 141 25.99 21.71 7.01
CA PRO D 141 24.77 21.40 7.75
C PRO D 141 24.03 20.19 7.17
N SER D 142 24.18 19.94 5.88
CA SER D 142 23.37 18.93 5.16
C SER D 142 24.01 17.56 5.04
N GLY D 143 25.33 17.49 5.12
CA GLY D 143 26.03 16.24 4.88
C GLY D 143 26.63 16.19 3.49
N LEU D 144 26.38 17.24 2.69
CA LEU D 144 27.00 17.37 1.39
C LEU D 144 28.48 17.60 1.62
N ASP D 145 29.31 17.26 0.63
CA ASP D 145 30.72 17.58 0.70
C ASP D 145 30.85 19.09 0.76
N GLY D 146 31.73 19.59 1.63
CA GLY D 146 31.95 21.02 1.76
C GLY D 146 33.42 21.35 1.60
N PRO D 147 33.79 22.60 1.91
CA PRO D 147 35.18 23.05 1.75
C PRO D 147 36.15 22.24 2.60
N GLY D 148 35.74 21.89 3.83
CA GLY D 148 36.57 21.08 4.71
C GLY D 148 36.52 19.60 4.39
N GLY D 149 35.78 19.26 3.34
CA GLY D 149 35.70 17.87 2.89
C GLY D 149 34.37 17.22 3.17
N SER D 150 34.38 15.89 3.27
CA SER D 150 33.15 15.11 3.37
C SER D 150 32.61 14.98 4.80
N GLY D 151 33.43 15.36 5.78
CA GLY D 151 33.03 15.22 7.16
C GLY D 151 33.33 13.82 7.66
N ALA D 152 32.98 13.55 8.92
CA ALA D 152 33.23 12.24 9.49
C ALA D 152 32.31 11.97 10.66
N SER D 153 31.93 10.71 10.82
CA SER D 153 31.33 10.22 12.05
C SER D 153 31.65 8.74 12.15
N THR D 154 31.14 8.09 13.19
CA THR D 154 31.32 6.65 13.35
C THR D 154 29.97 6.03 13.68
N ALA D 155 29.87 4.71 13.56
CA ALA D 155 28.62 4.03 13.93
C ALA D 155 28.28 4.36 15.38
N HIS D 156 29.29 4.29 16.24
CA HIS D 156 29.13 4.63 17.65
C HIS D 156 28.55 6.04 17.83
N ASP D 157 29.19 7.01 17.18
CA ASP D 157 28.74 8.39 17.29
C ASP D 157 27.34 8.61 16.74
N LEU D 158 27.00 7.95 15.63
CA LEU D 158 25.69 8.13 15.03
C LEU D 158 24.58 7.73 15.99
N VAL D 159 24.76 6.61 16.70
CA VAL D 159 23.70 6.15 17.60
C VAL D 159 23.64 7.03 18.85
N VAL D 160 24.78 7.57 19.25
CA VAL D 160 24.83 8.48 20.39
C VAL D 160 24.02 9.74 20.06
N ILE D 161 24.24 10.26 18.86
CA ILE D 161 23.51 11.43 18.39
C ILE D 161 22.03 11.11 18.24
N PHE D 162 21.72 9.97 17.66
CA PHE D 162 20.33 9.60 17.41
C PHE D 162 19.62 9.33 18.72
N ARG D 163 20.33 8.77 19.68
CA ARG D 163 19.78 8.53 20.99
C ARG D 163 19.35 9.85 21.64
N ALA D 164 20.19 10.86 21.50
CA ALA D 164 19.89 12.19 22.06
C ALA D 164 18.69 12.79 21.36
N ALA D 165 18.62 12.63 20.04
CA ALA D 165 17.50 13.17 19.26
C ALA D 165 16.17 12.53 19.65
N ALA D 167 15.16 11.52 22.36
CA ALA D 167 14.71 12.00 23.66
C ALA D 167 13.75 13.17 23.47
N ASN D 168 13.87 13.87 22.35
CA ASN D 168 13.05 15.04 22.10
C ASN D 168 11.72 14.62 21.50
N PRO D 169 10.59 15.00 22.14
CA PRO D 169 9.29 14.50 21.66
C PRO D 169 8.96 14.92 20.22
N VAL D 170 9.40 16.12 19.82
CA VAL D 170 9.15 16.57 18.46
C VAL D 170 9.99 15.79 17.44
N PHE D 171 11.25 15.54 17.76
CA PHE D 171 12.05 14.71 16.85
C PHE D 171 11.41 13.35 16.69
N ALA D 172 11.06 12.74 17.82
CA ALA D 172 10.44 11.41 17.79
C ALA D 172 9.19 11.39 16.91
N GLN D 173 8.42 12.46 16.97
CA GLN D 173 7.19 12.51 16.16
C GLN D 173 7.50 12.65 14.67
N ILE D 174 8.42 13.55 14.32
CA ILE D 174 8.73 13.80 12.92
C ILE D 174 9.36 12.58 12.25
N THR D 175 10.26 11.92 12.96
CA THR D 175 10.99 10.81 12.35
C THR D 175 10.05 9.61 12.11
N ALA D 176 8.93 9.59 12.83
CA ALA D 176 7.98 8.50 12.69
C ALA D 176 6.73 8.89 11.88
N GLU D 177 6.57 10.18 11.58
CA GLU D 177 5.41 10.67 10.84
C GLU D 177 5.39 10.11 9.43
N PRO D 178 4.21 9.70 8.95
CA PRO D 178 4.12 9.27 7.55
C PRO D 178 4.21 10.45 6.56
N SER D 179 3.84 11.64 7.02
CA SER D 179 3.77 12.78 6.10
C SER D 179 3.65 14.10 6.84
N ALA D 180 3.79 15.19 6.09
CA ALA D 180 3.59 16.53 6.63
C ALA D 180 3.19 17.46 5.50
N PHE D 182 3.81 21.10 3.64
CA PHE D 182 4.86 22.10 3.45
C PHE D 182 4.35 23.23 2.56
N PRO D 183 4.71 24.49 2.90
CA PRO D 183 4.18 25.63 2.13
C PRO D 183 4.52 25.51 0.66
N SER D 184 3.57 25.87 -0.19
CA SER D 184 3.77 25.87 -1.64
C SER D 184 3.12 27.10 -2.24
N ASP D 185 3.19 27.24 -3.56
CA ASP D 185 2.64 28.41 -4.24
C ASP D 185 1.13 28.53 -4.06
N ASN D 186 0.43 27.41 -4.19
CA ASN D 186 -1.03 27.43 -4.13
C ASN D 186 -1.57 27.35 -2.70
N GLY D 187 -0.74 26.90 -1.79
CA GLY D 187 -1.12 26.76 -0.40
C GLY D 187 -0.13 25.87 0.32
N GLU D 188 -0.45 24.58 0.40
CA GLU D 188 0.46 23.62 1.00
C GLU D 188 0.49 22.34 0.17
N GLN D 189 1.59 21.61 0.26
CA GLN D 189 1.72 20.34 -0.45
C GLN D 189 2.17 19.25 0.50
N LEU D 190 1.67 18.05 0.27
CA LEU D 190 2.09 16.91 1.08
C LEU D 190 3.52 16.49 0.77
N ILE D 191 4.33 16.33 1.81
CA ILE D 191 5.60 15.63 1.66
C ILE D 191 5.52 14.32 2.45
N VAL D 192 6.12 13.26 1.93
CA VAL D 192 6.02 11.96 2.58
C VAL D 192 7.35 11.50 3.15
N ASN D 193 7.29 10.75 4.25
CA ASN D 193 8.49 10.23 4.88
C ASN D 193 9.21 9.23 3.97
N GLN D 194 10.47 9.52 3.63
CA GLN D 194 11.24 8.68 2.71
C GLN D 194 11.83 7.40 3.34
N ASP D 195 11.77 7.29 4.66
CA ASP D 195 12.46 6.21 5.39
C ASP D 195 11.69 4.89 5.31
N GLU D 196 12.18 3.96 4.49
CA GLU D 196 11.43 2.73 4.26
C GLU D 196 11.41 1.77 5.45
N LEU D 197 12.28 2.00 6.43
CA LEU D 197 12.29 1.18 7.65
C LEU D 197 10.92 1.15 8.30
N LEU D 198 10.30 2.32 8.39
CA LEU D 198 8.96 2.45 8.97
C LEU D 198 7.96 1.49 8.32
N GLN D 199 8.03 1.37 7.00
CA GLN D 199 7.08 0.54 6.27
C GLN D 199 7.47 -0.94 6.24
N ARG D 200 8.75 -1.23 6.41
CA ARG D 200 9.26 -2.59 6.23
C ARG D 200 9.40 -3.37 7.53
N TYR D 201 9.62 -2.68 8.64
CA TYR D 201 9.98 -3.34 9.89
C TYR D 201 9.05 -2.95 11.02
N PRO D 202 8.10 -3.82 11.38
CA PRO D 202 7.17 -3.53 12.48
C PRO D 202 7.92 -3.21 13.77
N GLY D 203 7.56 -2.11 14.41
CA GLY D 203 8.25 -1.66 15.61
C GLY D 203 9.26 -0.56 15.37
N ALA D 204 9.57 -0.28 14.11
CA ALA D 204 10.52 0.77 13.77
C ALA D 204 9.95 2.10 14.28
N ILE D 205 10.79 2.93 14.89
CA ILE D 205 10.33 4.17 15.48
C ILE D 205 11.04 5.42 14.95
N GLY D 206 12.02 5.23 14.09
CA GLY D 206 12.67 6.36 13.45
C GLY D 206 13.88 5.98 12.63
N GLY D 207 14.38 6.89 11.81
CA GLY D 207 15.56 6.60 11.02
C GLY D 207 15.90 7.68 10.02
N LYS D 208 17.15 7.71 9.59
CA LYS D 208 17.60 8.65 8.58
C LYS D 208 18.61 7.94 7.69
N THR D 209 18.43 8.07 6.37
CA THR D 209 19.33 7.45 5.41
C THR D 209 20.27 8.48 4.84
N GLY D 210 21.35 8.02 4.20
CA GLY D 210 22.26 8.93 3.54
C GLY D 210 22.99 8.22 2.42
N TYR D 211 23.39 8.97 1.40
CA TYR D 211 24.29 8.44 0.39
C TYR D 211 25.07 9.54 -0.29
N THR D 212 26.39 9.37 -0.36
CA THR D 212 27.21 10.14 -1.29
C THR D 212 28.23 9.18 -1.89
N ASN D 213 28.95 9.62 -2.91
CA ASN D 213 30.04 8.82 -3.46
C ASN D 213 31.07 8.49 -2.39
N ALA D 214 31.45 9.48 -1.59
CA ALA D 214 32.47 9.30 -0.56
C ALA D 214 31.98 8.51 0.66
N ALA D 215 30.72 8.70 1.01
CA ALA D 215 30.14 8.03 2.18
C ALA D 215 29.62 6.62 1.88
N ARG D 216 29.38 6.34 0.60
CA ARG D 216 28.57 5.18 0.22
C ARG D 216 27.24 5.26 1.00
N LYS D 217 26.59 4.12 1.30
CA LYS D 217 25.30 4.20 1.99
C LYS D 217 25.49 4.29 3.51
N THR D 218 24.70 5.13 4.17
CA THR D 218 24.73 5.23 5.62
C THR D 218 23.31 5.20 6.16
N PHE D 219 23.16 4.77 7.41
CA PHE D 219 21.85 4.69 8.03
C PHE D 219 21.98 4.73 9.56
N VAL D 220 21.02 5.39 10.21
CA VAL D 220 20.92 5.33 11.66
C VAL D 220 19.43 5.29 11.96
N GLY D 221 19.04 4.45 12.92
CA GLY D 221 17.62 4.30 13.16
C GLY D 221 17.32 3.52 14.41
N ALA D 222 16.05 3.42 14.77
CA ALA D 222 15.65 2.75 15.99
C ALA D 222 14.37 1.96 15.81
N ALA D 223 14.17 0.98 16.70
CA ALA D 223 12.96 0.18 16.70
C ALA D 223 12.66 -0.28 18.12
N ALA D 224 11.40 -0.63 18.39
CA ALA D 224 11.00 -1.12 19.70
C ALA D 224 10.21 -2.41 19.55
N ARG D 225 10.57 -3.42 20.33
CA ARG D 225 9.83 -4.70 20.34
C ARG D 225 10.00 -5.32 21.71
N GLY D 226 8.92 -5.91 22.23
CA GLY D 226 8.96 -6.68 23.46
C GLY D 226 9.43 -5.91 24.68
N GLY D 227 9.15 -4.61 24.70
CA GLY D 227 9.50 -3.77 25.84
C GLY D 227 10.89 -3.14 25.76
N ARG D 228 11.68 -3.59 24.78
CA ARG D 228 13.04 -3.06 24.62
C ARG D 228 13.13 -2.15 23.39
N ARG D 229 13.99 -1.14 23.45
CA ARG D 229 14.19 -0.26 22.31
C ARG D 229 15.65 -0.25 21.91
N LEU D 230 15.90 -0.46 20.62
CA LEU D 230 17.26 -0.55 20.10
C LEU D 230 17.55 0.55 19.10
N VAL D 231 18.81 0.95 19.00
CA VAL D 231 19.23 1.89 17.99
C VAL D 231 20.41 1.27 17.24
N ILE D 232 20.41 1.40 15.91
CA ILE D 232 21.53 0.90 15.11
C ILE D 232 22.06 1.98 14.18
N ALA D 233 23.29 1.81 13.73
CA ALA D 233 23.84 2.65 12.69
C ALA D 233 24.65 1.77 11.77
N TYR D 236 29.16 3.14 5.26
CA TYR D 236 30.11 2.79 4.21
C TYR D 236 29.78 1.46 3.53
N GLY D 237 28.52 1.32 3.12
CA GLY D 237 28.08 0.10 2.47
C GLY D 237 27.58 0.29 1.06
N LEU D 238 27.77 -0.73 0.24
CA LEU D 238 27.19 -0.78 -1.09
C LEU D 238 26.51 -2.14 -1.24
N VAL D 239 25.33 -2.13 -1.86
CA VAL D 239 24.54 -3.35 -2.00
C VAL D 239 24.94 -4.13 -3.27
N LYS D 240 25.26 -5.41 -3.09
CA LYS D 240 25.64 -6.25 -4.22
C LYS D 240 24.41 -6.96 -4.78
N GLU D 241 24.35 -7.11 -6.10
CA GLU D 241 23.26 -7.85 -6.73
C GLU D 241 23.23 -9.28 -6.15
N GLY D 242 22.07 -9.68 -5.68
CA GLY D 242 21.92 -10.99 -5.06
C GLY D 242 22.08 -10.96 -3.55
N GLY D 243 22.74 -9.93 -3.04
CA GLY D 243 23.03 -9.84 -1.62
C GLY D 243 22.00 -9.04 -0.86
N PRO D 244 22.08 -9.05 0.49
CA PRO D 244 21.11 -8.35 1.33
C PRO D 244 21.15 -6.85 1.08
N THR D 245 19.98 -6.20 1.09
CA THR D 245 19.90 -4.75 0.97
C THR D 245 20.24 -4.13 2.33
N TYR D 246 20.20 -2.80 2.42
CA TYR D 246 20.42 -2.15 3.71
C TYR D 246 19.24 -2.42 4.64
N TRP D 247 18.04 -2.58 4.06
CA TRP D 247 16.86 -2.84 4.86
C TRP D 247 16.86 -4.27 5.40
N ASP D 248 17.29 -5.21 4.56
CA ASP D 248 17.56 -6.57 5.03
C ASP D 248 18.54 -6.57 6.21
N GLN D 249 19.62 -5.80 6.11
CA GLN D 249 20.63 -5.85 7.16
C GLN D 249 20.12 -5.19 8.43
N ALA D 250 19.37 -4.10 8.28
CA ALA D 250 18.81 -3.42 9.45
C ALA D 250 17.87 -4.36 10.18
N ALA D 251 17.03 -5.04 9.42
CA ALA D 251 16.07 -5.98 9.98
C ALA D 251 16.77 -7.12 10.69
N THR D 252 17.82 -7.64 10.06
CA THR D 252 18.63 -8.70 10.67
C THR D 252 19.27 -8.27 11.98
N LEU D 253 19.83 -7.05 12.00
CA LEU D 253 20.48 -6.56 13.22
C LEU D 253 19.45 -6.33 14.33
N PHE D 254 18.31 -5.72 13.99
CA PHE D 254 17.24 -5.51 14.96
C PHE D 254 16.73 -6.86 15.46
N ASP D 255 16.45 -7.79 14.55
CA ASP D 255 15.98 -9.12 14.94
C ASP D 255 16.96 -9.80 15.89
N TRP D 256 18.26 -9.70 15.59
CA TRP D 256 19.28 -10.33 16.41
C TRP D 256 19.31 -9.68 17.81
N GLY D 257 19.25 -8.36 17.83
CA GLY D 257 19.28 -7.62 19.08
C GLY D 257 18.10 -7.93 19.97
N PHE D 258 16.92 -8.06 19.37
CA PHE D 258 15.73 -8.38 20.14
C PHE D 258 15.71 -9.83 20.63
N ALA D 259 16.40 -10.73 19.93
CA ALA D 259 16.46 -12.12 20.36
C ALA D 259 17.55 -12.35 21.41
N LEU D 260 18.46 -11.39 21.54
CA LEU D 260 19.56 -11.50 22.48
C LEU D 260 19.04 -11.48 23.92
N ASN D 261 19.62 -12.31 24.78
CA ASN D 261 19.40 -12.24 26.21
C ASN D 261 19.64 -10.80 26.64
N PRO D 262 18.67 -10.19 27.34
CA PRO D 262 18.70 -8.77 27.69
C PRO D 262 19.91 -8.38 28.56
N GLN D 263 20.49 -9.33 29.28
CA GLN D 263 21.65 -9.06 30.13
C GLN D 263 22.99 -9.00 29.38
N ALA D 264 23.01 -9.48 28.14
CA ALA D 264 24.28 -9.61 27.39
C ALA D 264 24.67 -8.31 26.69
N SER D 265 25.96 -7.98 26.74
CA SER D 265 26.48 -6.78 26.10
C SER D 265 27.97 -6.88 25.86
N VAL D 266 28.53 -5.96 25.10
CA VAL D 266 29.96 -5.96 24.85
C VAL D 266 30.58 -4.64 25.30
N GLY D 267 29.74 -3.74 25.76
CA GLY D 267 30.22 -2.46 26.26
C GLY D 267 29.09 -1.47 26.45
N SER D 268 29.42 -0.19 26.42
CA SER D 268 28.42 0.86 26.63
C SER D 268 28.75 2.08 25.80
N LEU D 269 27.72 2.84 25.45
CA LEU D 269 27.89 4.05 24.64
C LEU D 269 28.69 5.13 25.35
#